data_7F4H
#
_entry.id   7F4H
#
_cell.length_a   1.00
_cell.length_b   1.00
_cell.length_c   1.00
_cell.angle_alpha   90.00
_cell.angle_beta   90.00
_cell.angle_gamma   90.00
#
_symmetry.space_group_name_H-M   'P 1'
#
loop_
_entity.id
_entity.type
_entity.pdbx_description
1 polymer 'Guanine nucleotide-binding protein G(I)/G(S)/G(O) subunit gamma-2'
2 polymer 'Guanine nucleotide-binding protein G(i) subunit alpha-1'
3 polymer 'Nanobody 35'
4 polymer 'Guanine nucleotide-binding protein G(I)/G(S)/G(T) subunit beta-1'
5 polymer 'Melanocortin-1 receptor'
6 polymer scFv16
7 polymer Afamelanotide
8 non-polymer 'CALCIUM ION'
#
loop_
_entity_poly.entity_id
_entity_poly.type
_entity_poly.pdbx_seq_one_letter_code
_entity_poly.pdbx_strand_id
1 'polypeptide(L)' MASNNTASIAQARKLVEQLKMEANIDRIKVSKAAADLMAYCEAHAKEDPLLTPVPASENPFREKKFFCAIL G
2 'polypeptide(L)'
;MGCTLSAEDKAAVERSKMIEKQLQKDKQVYRATHRLLLLGADNSGKSTIVKQMRIYHVNGYSEEECKQYKAVVYSNTIQS
IIAIIRAMGRLKIDFGDSARADDARQLFVLAGAAEEGFMTAELAGVIKRLWKDSGVQACFNRSREYQLNDSAAYYLNDLD
RIAQPNYIPTQQDVLRTRVKTSGIFETKFQVDKVNFHMFDVGAQRDERRKWIQCFNDVTAIIFVVDSSDYNRLQEALNDF
KSIWNNRWLRTISVILFLNKQDLLAEKVLAGKSKIEDYFPEFARYTTPEDATPEPGEDPRVTRAKYFIRDEFLRISTASG
DGRHYCYPHFTCSVDTENARRIFNDCRDIIQRMHLRQYELL
;
A
3 'polypeptide(L)'
;MKYLLPTAAAGLLLLAAQPAMAQVQLQESGGGLVQPGGSLRLSCAASGFTFSNYKMNWVRQAPGKGLEWVSDISQSGASI
SYTGSVKGRFTISRDNAKNTLYLQMNSLKPEDTAVYYCARCPAPFTRDCFDVTSTTYAYRGQGTQVTVSSHHHHHHEPEA
;
N
4 'polypeptide(L)'
;MGSLLQSELDQLRQEAEQLKNQIRDARKACADATLSQITNNIDPVGRIQMRTRRTLRGHLAKIYAMHWGTDSRLLVSASQ
DGKLIIWDSYTTNKVHAIPLRSSWVMTCAYAPSGNYVACGGLDNICSIYNLKTREGNVRVSRELAGHTGYLSCCRFLDDN
QIVTSSGDTTCALWDIETGQQTTTFTGHTGDVMSLSLAPDTRLFVSGACDASAKLWDVREGMCRQTFTGHESDINAICFF
PNGNAFATGSDDATCRLFDLRADQELMTYSHDNIICGITSVSFSKSGRLLLAGYDDFNCNVWDALKADRAGVLAGHDNRV
SCLGVTDDGMAVATGSWDSFLKIWNGSSGGGGSGGGGSSGVSGWRLFKKIS
;
B
5 'polypeptide(L)'
;MKTIIALSYIFCLVFAHHHHHHHHHHADLEDNWETLNDNLKVIEKADNAAQVKDALTKMRAAALDAQKATPPKLEDKSPD
SPEMKDFRHGFDILVGQIDDALKLANEGKVKEAQAAAEQLKTTRNAYIQKYLAVQGSQRRLLGSLNSTPTAIPQLGLAAN
QTGARCLEVSISDGLFLSLGLVSLVENALVVATIAKNRNLHSPMYCFICCLALSDLLVSGSNVLETAVILLLEAGALVAR
AAVLQQLDNVIDVITCSSMLSSLCFLGAIAVDRYISIFYALRYHSIVTLPRARRAVAAIWVASVVFSTLFIAYYDHVAVL
LCLVVFFLAMLVLMAVLYVHMLARACQHAQGIARLHKRQRPVHQGFGLKGAVTLTILLGIFFLCWGPFFLHLTLIVLCPE
HPTCGCIFKNFNLFLALIICNAIIDPLIYAFHSQELRRTLKEVLTCSWGSSGGGGSGGGGSSGVFTLEDFVGDWEQTAAY
NLDQVLEQGGVSSLLQNLAVSVTPIQRIVRSGENALKIDIHVIIPYEGLSADQMAQIEEVFKVVYPVDDHHFKVILPYGT
LVIDGVTPNMLNYFGRPYEGIAVFDGKKITVTGTLWNGNKIIDERLITPDGSMLFRVTINS
;
R
6 'polypeptide(L)'
;MLLVNQSHQGFNKEHTSKMVSAIVLYVLLAAAAHSAFAVQLVESGGGLVQPGGSRKLSCSASGFAFSSFGMHWVRQAPEK
GLEWVAYISSGSGTIYYADTVKGRFTISRDDPKNTLFLQMTSLRSEDTAMYYCVRSIYYYGSSPFDFWGQGTTLTVSAGG
GGSGGGGSGGGGSADIVMTQATSSVPVTPGESVSISCRSSKSLLHSNGNTYLYWFLQRPGQSPQLLIYRMSNLASGVPDR
FSGSGSGTAFTLTISRLEAEDVGVYYCMQHLEYPLTFGAGTKLEL
;
S
7 'polypeptide(L)' SYS(NLE)EH(DPN)RWGKPV F
#
# COMPACT_ATOMS: atom_id res chain seq x y z
N ILE A 9 -25.65 -23.01 26.02
CA ILE A 9 -26.15 -22.62 27.33
C ILE A 9 -25.20 -21.65 28.00
N ALA A 10 -23.97 -22.11 28.26
CA ALA A 10 -23.00 -21.35 29.06
C ALA A 10 -22.71 -19.98 28.46
N GLN A 11 -22.80 -19.85 27.13
CA GLN A 11 -22.68 -18.53 26.49
C GLN A 11 -23.79 -17.60 26.94
N ALA A 12 -25.02 -18.10 26.98
CA ALA A 12 -26.14 -17.28 27.46
C ALA A 12 -26.05 -16.99 28.97
N ARG A 13 -25.59 -17.95 29.79
CA ARG A 13 -25.36 -17.69 31.22
C ARG A 13 -24.28 -16.63 31.43
N LYS A 14 -23.16 -16.71 30.68
CA LYS A 14 -22.14 -15.67 30.79
C LYS A 14 -22.59 -14.35 30.19
N LEU A 15 -23.41 -14.35 29.14
CA LEU A 15 -24.02 -13.14 28.63
C LEU A 15 -24.95 -12.49 29.67
N VAL A 16 -25.72 -13.30 30.37
CA VAL A 16 -26.54 -12.79 31.47
C VAL A 16 -25.67 -12.17 32.58
N GLU A 17 -24.58 -12.85 32.96
CA GLU A 17 -23.66 -12.30 33.95
C GLU A 17 -23.04 -10.98 33.49
N GLN A 18 -22.65 -10.90 32.22
CA GLN A 18 -22.12 -9.66 31.65
C GLN A 18 -23.17 -8.54 31.64
N LEU A 19 -24.39 -8.86 31.24
CA LEU A 19 -25.46 -7.88 31.24
C LEU A 19 -25.86 -7.43 32.64
N LYS A 20 -25.72 -8.30 33.65
CA LYS A 20 -25.86 -7.84 35.04
C LYS A 20 -24.74 -6.88 35.41
N MET A 21 -23.51 -7.22 35.07
CA MET A 21 -22.39 -6.31 35.30
C MET A 21 -22.56 -4.95 34.62
N GLU A 22 -23.09 -4.94 33.39
CA GLU A 22 -23.32 -3.71 32.65
C GLU A 22 -24.58 -2.97 33.10
N ALA A 23 -25.55 -3.66 33.70
CA ALA A 23 -26.75 -3.00 34.22
C ALA A 23 -26.42 -2.05 35.36
N ASN A 24 -25.51 -2.44 36.25
CA ASN A 24 -25.17 -1.71 37.45
C ASN A 24 -24.38 -0.42 37.22
N ILE A 25 -24.06 -0.07 35.97
CA ILE A 25 -23.23 1.10 35.74
C ILE A 25 -23.94 2.37 36.26
N ASP A 26 -23.14 3.21 36.93
CA ASP A 26 -23.57 4.50 37.46
C ASP A 26 -23.58 5.56 36.36
N ARG A 27 -24.56 5.43 35.46
CA ARG A 27 -24.61 6.26 34.28
C ARG A 27 -24.85 7.72 34.63
N ILE A 28 -24.13 8.61 33.95
CA ILE A 28 -24.31 10.06 34.07
C ILE A 28 -25.26 10.58 32.98
N LYS A 29 -25.76 11.80 33.18
CA LYS A 29 -26.59 12.44 32.16
C LYS A 29 -25.79 12.69 30.90
N VAL A 30 -26.46 12.51 29.76
CA VAL A 30 -25.91 12.81 28.44
C VAL A 30 -25.62 14.31 28.26
N SER A 31 -26.42 15.19 28.89
CA SER A 31 -26.11 16.61 28.90
C SER A 31 -24.78 16.91 29.61
N LYS A 32 -24.51 16.23 30.72
CA LYS A 32 -23.25 16.43 31.42
C LYS A 32 -22.07 15.88 30.64
N ALA A 33 -22.27 14.74 29.98
CA ALA A 33 -21.28 14.21 29.08
C ALA A 33 -20.96 15.20 27.95
N ALA A 34 -21.98 15.71 27.28
CA ALA A 34 -21.79 16.72 26.23
C ALA A 34 -21.07 17.97 26.76
N ALA A 35 -21.47 18.47 27.92
CA ALA A 35 -20.80 19.61 28.58
C ALA A 35 -19.34 19.32 28.86
N ASP A 36 -19.03 18.11 29.33
CA ASP A 36 -17.63 17.72 29.55
C ASP A 36 -16.80 17.67 28.26
N LEU A 37 -17.35 17.08 27.20
CA LEU A 37 -16.63 17.01 25.92
C LEU A 37 -16.39 18.38 25.30
N MET A 38 -17.40 19.25 25.34
CA MET A 38 -17.19 20.60 24.82
C MET A 38 -16.29 21.45 25.70
N ALA A 39 -16.34 21.26 27.01
CA ALA A 39 -15.38 21.90 27.89
C ALA A 39 -13.94 21.47 27.60
N TYR A 40 -13.73 20.19 27.32
CA TYR A 40 -12.41 19.71 26.94
C TYR A 40 -11.97 20.29 25.60
N CYS A 41 -12.86 20.32 24.62
CA CYS A 41 -12.53 20.97 23.36
C CYS A 41 -12.17 22.44 23.54
N GLU A 42 -12.98 23.19 24.29
CA GLU A 42 -12.68 24.59 24.57
C GLU A 42 -11.35 24.74 25.32
N ALA A 43 -11.01 23.82 26.24
CA ALA A 43 -9.73 23.82 26.95
C ALA A 43 -8.56 23.45 26.05
N HIS A 44 -8.81 22.83 24.90
CA HIS A 44 -7.70 22.37 24.07
C HIS A 44 -7.73 22.95 22.64
N ALA A 45 -8.58 23.94 22.38
CA ALA A 45 -8.78 24.45 21.02
C ALA A 45 -7.51 25.13 20.51
N LYS A 46 -6.90 25.99 21.30
CA LYS A 46 -5.68 26.69 20.87
C LYS A 46 -4.51 25.73 20.74
N GLU A 47 -4.47 24.70 21.59
CA GLU A 47 -3.48 23.65 21.60
C GLU A 47 -3.62 22.68 20.46
N ASP A 48 -4.66 22.82 19.63
CA ASP A 48 -4.93 21.90 18.52
C ASP A 48 -4.52 22.52 17.20
N PRO A 49 -3.46 22.03 16.56
CA PRO A 49 -3.02 22.59 15.28
C PRO A 49 -3.97 22.32 14.15
N LEU A 50 -4.73 21.22 14.22
CA LEU A 50 -5.70 20.89 13.19
C LEU A 50 -6.90 21.83 13.26
N LEU A 51 -7.36 22.14 14.47
CA LEU A 51 -8.46 23.08 14.63
C LEU A 51 -8.02 24.50 14.29
N THR A 52 -6.89 24.94 14.83
CA THR A 52 -6.38 26.30 14.62
C THR A 52 -4.98 26.22 13.99
N PRO A 53 -4.89 26.25 12.64
CA PRO A 53 -3.60 26.05 11.99
C PRO A 53 -2.55 27.00 12.53
N VAL A 54 -1.43 26.43 12.98
CA VAL A 54 -0.29 27.17 13.52
C VAL A 54 0.38 27.94 12.38
N PRO A 55 1.13 29.01 12.68
CA PRO A 55 1.88 29.69 11.64
C PRO A 55 2.78 28.75 10.84
N ALA A 56 2.92 29.09 9.56
CA ALA A 56 3.72 28.27 8.65
C ALA A 56 5.16 28.12 9.12
N SER A 57 5.67 29.07 9.88
CA SER A 57 6.99 28.93 10.46
C SER A 57 7.02 27.91 11.60
N GLU A 58 5.94 27.78 12.35
CA GLU A 58 5.87 26.82 13.47
C GLU A 58 5.54 25.43 12.94
N ASN A 59 4.74 25.34 11.89
CA ASN A 59 4.44 24.04 11.30
C ASN A 59 5.73 23.34 10.86
N PRO A 60 6.09 22.23 11.48
CA PRO A 60 7.35 21.55 11.10
C PRO A 60 7.31 20.91 9.73
N PHE A 61 6.12 20.76 9.14
CA PHE A 61 5.95 20.06 7.87
C PHE A 61 6.09 20.96 6.65
N ARG A 62 6.19 22.29 6.84
CA ARG A 62 6.65 23.15 5.76
C ARG A 62 7.44 24.36 6.23
N GLU A 63 7.63 24.56 7.53
CA GLU A 63 8.58 25.53 8.10
C GLU A 63 8.45 26.95 7.54
N LEU B 5 21.31 21.47 4.82
CA LEU B 5 21.20 20.10 5.27
C LEU B 5 22.48 19.61 5.96
N SER B 6 22.35 19.23 7.23
CA SER B 6 23.52 18.93 8.04
C SER B 6 24.17 17.64 7.55
N ALA B 7 25.41 17.36 8.01
CA ALA B 7 26.10 16.12 7.66
C ALA B 7 25.35 14.87 8.11
N GLU B 8 24.73 14.90 9.30
CA GLU B 8 23.88 13.79 9.70
C GLU B 8 22.59 13.72 8.89
N ASP B 9 21.99 14.87 8.61
CA ASP B 9 20.76 14.86 7.83
C ASP B 9 21.04 14.38 6.39
N LYS B 10 22.16 14.81 5.84
CA LYS B 10 22.60 14.32 4.52
C LYS B 10 22.85 12.81 4.52
N ALA B 11 23.55 12.32 5.53
CA ALA B 11 23.75 10.89 5.69
C ALA B 11 22.46 10.10 5.94
N ALA B 12 21.46 10.69 6.60
CA ALA B 12 20.16 10.04 6.74
C ALA B 12 19.38 9.99 5.43
N VAL B 13 19.51 11.03 4.61
CA VAL B 13 18.95 10.99 3.25
C VAL B 13 19.62 9.90 2.43
N GLU B 14 20.94 9.77 2.56
CA GLU B 14 21.67 8.70 1.88
C GLU B 14 21.28 7.30 2.37
N ARG B 15 20.98 7.14 3.66
CA ARG B 15 20.38 5.89 4.14
C ARG B 15 18.98 5.69 3.58
N SER B 16 18.17 6.74 3.49
CA SER B 16 16.84 6.62 2.87
C SER B 16 16.93 6.15 1.42
N LYS B 17 17.93 6.68 0.69
CA LYS B 17 18.18 6.28 -0.70
C LYS B 17 18.72 4.85 -0.83
N MET B 18 19.57 4.44 0.11
CA MET B 18 19.96 3.01 0.20
C MET B 18 18.75 2.09 0.44
N ILE B 19 17.85 2.49 1.33
CA ILE B 19 16.62 1.76 1.59
C ILE B 19 15.72 1.76 0.35
N GLU B 20 15.58 2.90 -0.30
CA GLU B 20 14.77 2.97 -1.54
C GLU B 20 15.33 2.10 -2.65
N LYS B 21 16.66 2.00 -2.75
CA LYS B 21 17.27 1.04 -3.68
C LYS B 21 16.99 -0.43 -3.33
N GLN B 22 17.03 -0.75 -2.04
CA GLN B 22 16.61 -2.09 -1.67
C GLN B 22 15.13 -2.32 -1.95
N LEU B 23 14.29 -1.34 -1.64
CA LEU B 23 12.87 -1.43 -1.95
C LEU B 23 12.62 -1.55 -3.45
N GLN B 24 13.43 -0.92 -4.30
CA GLN B 24 13.32 -1.19 -5.74
C GLN B 24 13.70 -2.62 -6.14
N LYS B 25 14.76 -3.19 -5.56
CA LYS B 25 15.02 -4.62 -5.78
C LYS B 25 13.84 -5.48 -5.31
N ASP B 26 13.21 -5.08 -4.21
CA ASP B 26 12.00 -5.77 -3.76
C ASP B 26 10.81 -5.51 -4.67
N LYS B 27 10.72 -4.32 -5.28
CA LYS B 27 9.68 -4.08 -6.28
C LYS B 27 9.85 -5.03 -7.47
N GLN B 28 11.08 -5.24 -7.90
CA GLN B 28 11.38 -6.19 -8.96
C GLN B 28 10.91 -7.61 -8.61
N VAL B 29 11.20 -8.08 -7.41
CA VAL B 29 10.76 -9.41 -6.99
C VAL B 29 9.22 -9.48 -6.78
N TYR B 30 8.63 -8.43 -6.19
CA TYR B 30 7.19 -8.37 -5.97
C TYR B 30 6.42 -8.38 -7.28
N ARG B 31 6.91 -7.68 -8.30
CA ARG B 31 6.21 -7.72 -9.58
C ARG B 31 6.57 -8.96 -10.39
N ALA B 32 7.76 -9.54 -10.18
CA ALA B 32 8.04 -10.81 -10.82
C ALA B 32 7.27 -11.98 -10.20
N THR B 33 6.95 -11.90 -8.91
CA THR B 33 6.11 -12.90 -8.28
C THR B 33 4.65 -12.63 -8.59
N HIS B 34 3.93 -13.70 -8.93
CA HIS B 34 2.47 -13.67 -9.07
C HIS B 34 1.82 -14.28 -7.83
N ARG B 35 0.92 -13.54 -7.21
CA ARG B 35 0.25 -13.96 -5.99
C ARG B 35 -1.11 -14.60 -6.29
N LEU B 36 -1.40 -15.71 -5.61
CA LEU B 36 -2.65 -16.47 -5.77
C LEU B 36 -3.28 -16.68 -4.42
N LEU B 37 -4.61 -16.58 -4.36
CA LEU B 37 -5.37 -17.02 -3.19
C LEU B 37 -6.06 -18.33 -3.52
N LEU B 38 -5.82 -19.36 -2.72
CA LEU B 38 -6.48 -20.65 -2.83
C LEU B 38 -7.66 -20.71 -1.87
N LEU B 39 -8.88 -20.76 -2.42
CA LEU B 39 -10.09 -20.89 -1.64
C LEU B 39 -10.78 -22.22 -1.94
N GLY B 40 -11.58 -22.68 -0.98
CA GLY B 40 -12.34 -23.92 -1.10
C GLY B 40 -12.76 -24.47 0.25
N ALA B 41 -13.91 -25.14 0.28
CA ALA B 41 -14.38 -25.77 1.50
C ALA B 41 -13.51 -26.95 1.89
N ASP B 42 -13.81 -27.51 3.07
CA ASP B 42 -13.08 -28.66 3.58
C ASP B 42 -13.21 -29.91 2.70
N ASN B 43 -14.31 -29.99 1.94
CA ASN B 43 -14.51 -31.06 0.96
C ASN B 43 -13.68 -30.88 -0.30
N SER B 44 -13.21 -29.66 -0.59
CA SER B 44 -12.79 -29.30 -1.94
C SER B 44 -11.54 -30.04 -2.39
N GLY B 45 -10.73 -30.52 -1.47
CA GLY B 45 -9.44 -31.07 -1.84
C GLY B 45 -8.39 -30.03 -2.18
N LYS B 46 -8.60 -28.78 -1.82
CA LYS B 46 -7.55 -27.79 -2.00
C LYS B 46 -6.23 -28.18 -1.32
N SER B 47 -6.31 -28.90 -0.21
CA SER B 47 -5.12 -29.45 0.43
C SER B 47 -4.36 -30.39 -0.49
N THR B 48 -5.06 -31.19 -1.31
CA THR B 48 -4.39 -32.05 -2.27
C THR B 48 -3.82 -31.29 -3.47
N ILE B 49 -4.50 -30.24 -3.92
CA ILE B 49 -3.90 -29.33 -4.93
C ILE B 49 -2.59 -28.72 -4.41
N VAL B 50 -2.58 -28.26 -3.16
CA VAL B 50 -1.35 -27.82 -2.50
C VAL B 50 -0.30 -28.91 -2.47
N LYS B 51 -0.67 -30.10 -2.00
CA LYS B 51 0.31 -31.19 -1.94
C LYS B 51 0.93 -31.49 -3.31
N GLN B 52 0.11 -31.49 -4.36
CA GLN B 52 0.63 -31.70 -5.71
C GLN B 52 1.67 -30.65 -6.09
N MET B 53 1.36 -29.38 -5.87
CA MET B 53 2.25 -28.31 -6.32
C MET B 53 3.44 -28.11 -5.39
N ARG B 54 3.30 -28.48 -4.12
CA ARG B 54 4.43 -28.57 -3.19
C ARG B 54 5.43 -29.65 -3.62
N ILE B 55 4.96 -30.81 -4.02
CA ILE B 55 5.87 -31.91 -4.37
C ILE B 55 6.48 -31.69 -5.75
N TYR B 56 5.65 -31.48 -6.76
CA TYR B 56 6.12 -31.48 -8.16
C TYR B 56 6.50 -30.10 -8.70
N HIS B 57 6.15 -29.02 -7.99
CA HIS B 57 6.33 -27.66 -8.50
C HIS B 57 5.84 -27.46 -9.95
N THR B 181 -1.56 -23.03 14.84
CA THR B 181 -2.35 -21.80 14.90
C THR B 181 -2.01 -20.81 13.77
N SER B 182 -1.20 -21.23 12.79
CA SER B 182 -0.86 -20.34 11.69
C SER B 182 -2.08 -20.06 10.84
N GLY B 183 -2.25 -18.79 10.45
CA GLY B 183 -3.49 -18.31 9.91
C GLY B 183 -3.50 -18.24 8.39
N ILE B 184 -2.34 -18.46 7.77
CA ILE B 184 -2.14 -18.34 6.32
C ILE B 184 -0.98 -19.24 5.88
N PHE B 185 -1.23 -20.08 4.87
CA PHE B 185 -0.23 -21.05 4.39
C PHE B 185 0.23 -20.65 2.99
N GLU B 186 1.41 -20.05 2.92
CA GLU B 186 2.05 -19.77 1.63
C GLU B 186 2.58 -21.04 0.99
N THR B 187 2.18 -21.30 -0.26
CA THR B 187 2.86 -22.26 -1.14
C THR B 187 3.46 -21.48 -2.29
N LYS B 188 4.77 -21.59 -2.47
CA LYS B 188 5.44 -20.94 -3.59
C LYS B 188 5.96 -21.96 -4.59
N PHE B 189 5.53 -21.83 -5.83
CA PHE B 189 5.87 -22.82 -6.87
C PHE B 189 6.22 -22.06 -8.14
N GLN B 190 6.91 -22.74 -9.05
CA GLN B 190 7.41 -22.11 -10.28
C GLN B 190 7.00 -22.94 -11.48
N VAL B 191 6.48 -22.26 -12.50
CA VAL B 191 6.20 -22.86 -13.81
C VAL B 191 6.85 -22.00 -14.88
N ASP B 192 7.63 -22.62 -15.76
CA ASP B 192 8.33 -21.98 -16.86
C ASP B 192 9.04 -20.69 -16.42
N LYS B 193 9.82 -20.79 -15.35
CA LYS B 193 10.58 -19.68 -14.77
C LYS B 193 9.71 -18.55 -14.22
N VAL B 194 8.42 -18.73 -14.11
CA VAL B 194 7.53 -17.74 -13.52
C VAL B 194 7.23 -18.19 -12.10
N ASN B 195 7.43 -17.28 -11.13
CA ASN B 195 7.24 -17.60 -9.72
C ASN B 195 5.80 -17.31 -9.31
N PHE B 196 5.12 -18.31 -8.78
CA PHE B 196 3.78 -18.21 -8.21
C PHE B 196 3.85 -18.44 -6.70
N HIS B 197 3.27 -17.52 -5.94
CA HIS B 197 3.02 -17.69 -4.52
C HIS B 197 1.51 -17.89 -4.35
N MET B 198 1.12 -19.05 -3.82
CA MET B 198 -0.29 -19.38 -3.62
C MET B 198 -0.59 -19.46 -2.12
N PHE B 199 -1.51 -18.62 -1.67
CA PHE B 199 -1.89 -18.49 -0.27
C PHE B 199 -3.19 -19.26 -0.01
N ASP B 200 -3.08 -20.41 0.65
CA ASP B 200 -4.21 -21.09 1.24
C ASP B 200 -4.52 -20.45 2.58
N VAL B 201 -5.75 -19.95 2.74
CA VAL B 201 -6.16 -19.42 4.04
C VAL B 201 -6.05 -20.52 5.10
N GLY B 202 -5.26 -20.23 6.14
CA GLY B 202 -5.04 -21.21 7.19
C GLY B 202 -6.11 -21.30 8.25
N ALA B 203 -5.68 -21.14 9.51
CA ALA B 203 -6.57 -21.23 10.65
C ALA B 203 -7.29 -19.91 10.90
N GLN B 204 -8.32 -19.63 10.09
CA GLN B 204 -9.18 -18.47 10.28
C GLN B 204 -10.59 -18.96 10.62
N ARG B 205 -11.37 -18.11 11.25
CA ARG B 205 -12.81 -18.38 11.36
C ARG B 205 -13.48 -18.37 9.99
N ASP B 206 -14.66 -18.97 9.92
CA ASP B 206 -15.50 -19.04 8.75
C ASP B 206 -16.20 -17.70 8.43
N GLU B 207 -15.95 -16.63 9.19
CA GLU B 207 -16.33 -15.28 8.77
C GLU B 207 -15.21 -14.72 7.91
N ARG B 208 -15.44 -14.71 6.59
CA ARG B 208 -14.45 -14.47 5.56
C ARG B 208 -14.29 -12.99 5.15
N ARG B 209 -15.31 -12.18 5.37
CA ARG B 209 -15.50 -10.91 4.69
C ARG B 209 -14.44 -9.87 4.98
N LYS B 210 -13.68 -10.00 6.07
CA LYS B 210 -12.64 -9.00 6.35
C LYS B 210 -11.27 -9.38 5.81
N TRP B 211 -10.76 -10.56 6.14
CA TRP B 211 -9.45 -10.99 5.65
C TRP B 211 -9.44 -11.16 4.14
N ILE B 212 -10.58 -11.46 3.52
CA ILE B 212 -10.64 -11.58 2.08
C ILE B 212 -10.27 -10.26 1.38
N GLN B 213 -10.48 -9.12 2.04
CA GLN B 213 -10.12 -7.82 1.47
C GLN B 213 -8.63 -7.66 1.30
N CYS B 214 -7.80 -8.40 2.04
CA CYS B 214 -6.35 -8.41 1.79
C CYS B 214 -6.00 -8.84 0.38
N PHE B 215 -6.85 -9.62 -0.28
CA PHE B 215 -6.48 -10.23 -1.54
C PHE B 215 -6.96 -9.46 -2.76
N ASN B 216 -7.46 -8.25 -2.60
CA ASN B 216 -7.33 -7.28 -3.70
C ASN B 216 -5.88 -7.11 -4.06
N ASP B 217 -5.57 -7.18 -5.36
CA ASP B 217 -4.20 -7.21 -5.93
C ASP B 217 -3.52 -8.58 -5.84
N VAL B 218 -4.28 -9.68 -5.73
CA VAL B 218 -3.76 -10.97 -6.19
C VAL B 218 -3.97 -11.08 -7.69
N THR B 219 -3.19 -11.93 -8.35
CA THR B 219 -3.42 -12.19 -9.78
C THR B 219 -4.74 -12.95 -9.99
N ALA B 220 -4.99 -13.99 -9.21
CA ALA B 220 -6.24 -14.75 -9.30
C ALA B 220 -6.60 -15.32 -7.93
N ILE B 221 -7.87 -15.65 -7.78
CA ILE B 221 -8.34 -16.58 -6.75
C ILE B 221 -8.63 -17.94 -7.41
N ILE B 222 -7.89 -18.95 -7.00
CA ILE B 222 -8.22 -20.33 -7.34
C ILE B 222 -9.34 -20.80 -6.42
N PHE B 223 -10.54 -20.92 -6.98
CA PHE B 223 -11.71 -21.42 -6.26
C PHE B 223 -11.86 -22.91 -6.58
N VAL B 224 -11.59 -23.78 -5.61
CA VAL B 224 -11.68 -25.22 -5.78
C VAL B 224 -13.05 -25.70 -5.32
N VAL B 225 -13.75 -26.42 -6.19
CA VAL B 225 -15.08 -26.94 -5.91
C VAL B 225 -15.01 -28.46 -5.90
N ASP B 226 -15.66 -29.07 -4.92
CA ASP B 226 -15.99 -30.49 -4.93
C ASP B 226 -17.25 -30.69 -5.77
N SER B 227 -17.06 -31.06 -7.05
CA SER B 227 -18.20 -31.29 -7.94
C SER B 227 -19.11 -32.42 -7.46
N SER B 228 -18.58 -33.37 -6.73
CA SER B 228 -19.37 -34.51 -6.29
C SER B 228 -20.32 -34.19 -5.14
N ASP B 229 -20.12 -33.10 -4.42
CA ASP B 229 -20.84 -32.88 -3.17
C ASP B 229 -22.05 -31.96 -3.37
N TYR B 230 -23.05 -32.50 -4.09
CA TYR B 230 -24.16 -31.69 -4.59
C TYR B 230 -24.84 -30.92 -3.47
N ASN B 231 -24.98 -31.53 -2.29
CA ASN B 231 -25.58 -30.86 -1.15
C ASN B 231 -24.75 -29.69 -0.64
N ARG B 232 -23.44 -29.66 -0.90
CA ARG B 232 -22.62 -28.52 -0.57
C ARG B 232 -22.22 -27.72 -1.81
N LEU B 233 -22.66 -28.15 -3.00
CA LEU B 233 -22.39 -27.41 -4.22
C LEU B 233 -23.13 -26.08 -4.23
N GLN B 234 -24.33 -25.99 -3.65
CA GLN B 234 -24.98 -24.68 -3.54
C GLN B 234 -24.23 -23.78 -2.54
N GLU B 235 -23.72 -24.35 -1.45
CA GLU B 235 -22.85 -23.60 -0.54
C GLU B 235 -21.62 -23.05 -1.26
N ALA B 236 -20.96 -23.87 -2.06
CA ALA B 236 -19.83 -23.43 -2.86
C ALA B 236 -20.23 -22.35 -3.88
N LEU B 237 -21.41 -22.46 -4.47
CA LEU B 237 -21.92 -21.43 -5.37
C LEU B 237 -22.19 -20.13 -4.66
N ASN B 238 -22.73 -20.15 -3.43
CA ASN B 238 -22.89 -18.91 -2.69
C ASN B 238 -21.56 -18.30 -2.27
N ASP B 239 -20.56 -19.13 -2.00
CA ASP B 239 -19.21 -18.62 -1.71
C ASP B 239 -18.60 -17.94 -2.94
N PHE B 240 -18.67 -18.62 -4.08
CA PHE B 240 -18.21 -18.05 -5.33
C PHE B 240 -18.93 -16.76 -5.67
N LYS B 241 -20.25 -16.72 -5.51
CA LYS B 241 -21.02 -15.50 -5.77
C LYS B 241 -20.62 -14.37 -4.84
N SER B 242 -20.30 -14.64 -3.58
CA SER B 242 -19.86 -13.62 -2.64
C SER B 242 -18.46 -13.13 -2.98
N ILE B 243 -17.54 -14.05 -3.23
CA ILE B 243 -16.19 -13.69 -3.67
C ILE B 243 -16.24 -12.82 -4.91
N TRP B 244 -17.02 -13.27 -5.91
CA TRP B 244 -17.18 -12.56 -7.19
C TRP B 244 -17.74 -11.15 -7.00
N ASN B 245 -18.80 -10.99 -6.22
CA ASN B 245 -19.46 -9.70 -6.13
C ASN B 245 -18.85 -8.76 -5.11
N ASN B 246 -17.83 -9.18 -4.35
CA ASN B 246 -17.24 -8.31 -3.36
C ASN B 246 -16.55 -7.11 -3.99
N ARG B 247 -16.81 -5.94 -3.40
CA ARG B 247 -16.27 -4.67 -3.91
C ARG B 247 -14.76 -4.70 -4.15
N TRP B 248 -14.01 -5.36 -3.28
CA TRP B 248 -12.56 -5.37 -3.34
C TRP B 248 -12.00 -6.48 -4.23
N LEU B 249 -12.85 -7.42 -4.67
CA LEU B 249 -12.51 -8.45 -5.64
C LEU B 249 -13.15 -8.21 -7.00
N ARG B 250 -13.83 -7.07 -7.19
CA ARG B 250 -14.43 -6.68 -8.46
C ARG B 250 -13.44 -6.69 -9.63
N THR B 251 -12.13 -6.69 -9.36
CA THR B 251 -11.09 -6.71 -10.40
C THR B 251 -10.27 -7.98 -10.41
N ILE B 252 -10.63 -8.98 -9.62
CA ILE B 252 -9.82 -10.18 -9.42
C ILE B 252 -10.48 -11.36 -10.14
N SER B 253 -9.77 -11.94 -11.12
CA SER B 253 -10.30 -13.07 -11.85
C SER B 253 -10.18 -14.34 -11.01
N VAL B 254 -11.04 -15.31 -11.28
CA VAL B 254 -11.13 -16.53 -10.50
C VAL B 254 -10.81 -17.74 -11.37
N ILE B 255 -9.90 -18.58 -10.89
CA ILE B 255 -9.58 -19.87 -11.48
C ILE B 255 -10.42 -20.93 -10.78
N LEU B 256 -11.42 -21.45 -11.47
CA LEU B 256 -12.26 -22.52 -10.92
C LEU B 256 -11.62 -23.88 -11.11
N PHE B 257 -11.16 -24.49 -10.04
CA PHE B 257 -10.88 -25.92 -10.04
C PHE B 257 -12.15 -26.69 -9.64
N LEU B 258 -12.91 -27.11 -10.62
CA LEU B 258 -13.94 -28.12 -10.37
C LEU B 258 -13.27 -29.47 -10.11
N ASN B 259 -13.01 -29.75 -8.84
CA ASN B 259 -12.16 -30.87 -8.43
C ASN B 259 -13.00 -32.09 -8.15
N LYS B 260 -12.32 -33.21 -7.86
CA LYS B 260 -12.93 -34.49 -7.49
C LYS B 260 -13.85 -35.00 -8.59
N GLN B 261 -13.41 -34.85 -9.84
CA GLN B 261 -14.19 -35.24 -11.03
C GLN B 261 -14.33 -36.76 -11.16
N ASP B 262 -13.36 -37.53 -10.65
CA ASP B 262 -13.53 -38.96 -10.49
C ASP B 262 -14.76 -39.29 -9.64
N LEU B 263 -14.89 -38.63 -8.49
CA LEU B 263 -16.04 -38.86 -7.64
C LEU B 263 -17.35 -38.34 -8.24
N LEU B 264 -17.29 -37.28 -9.06
CA LEU B 264 -18.47 -36.86 -9.79
C LEU B 264 -18.90 -37.91 -10.79
N ALA B 265 -17.95 -38.42 -11.58
CA ALA B 265 -18.24 -39.48 -12.54
C ALA B 265 -18.85 -40.70 -11.86
N GLU B 266 -18.24 -41.17 -10.77
CA GLU B 266 -18.82 -42.25 -9.98
C GLU B 266 -20.23 -41.94 -9.50
N LYS B 267 -20.46 -40.75 -8.95
CA LYS B 267 -21.78 -40.44 -8.41
C LYS B 267 -22.87 -40.29 -9.48
N VAL B 268 -22.48 -39.98 -10.70
CA VAL B 268 -23.41 -39.91 -11.83
C VAL B 268 -23.64 -41.30 -12.43
N LEU B 269 -22.61 -42.11 -12.54
CA LEU B 269 -22.76 -43.45 -13.08
C LEU B 269 -23.46 -44.36 -12.09
N ALA B 270 -23.01 -44.36 -10.85
CA ALA B 270 -23.66 -45.07 -9.76
C ALA B 270 -24.77 -44.19 -9.18
N GLY B 271 -25.73 -43.85 -10.05
CA GLY B 271 -26.53 -42.63 -9.94
C GLY B 271 -27.68 -42.67 -8.96
N LYS B 272 -27.38 -42.99 -7.70
CA LYS B 272 -28.34 -42.76 -6.62
C LYS B 272 -28.59 -41.27 -6.38
N SER B 273 -27.52 -40.46 -6.37
CA SER B 273 -27.67 -39.02 -6.14
C SER B 273 -28.06 -38.36 -7.47
N LYS B 274 -29.19 -37.67 -7.49
CA LYS B 274 -29.71 -37.05 -8.71
C LYS B 274 -29.55 -35.54 -8.57
N ILE B 275 -28.82 -34.93 -9.51
CA ILE B 275 -28.58 -33.49 -9.45
C ILE B 275 -29.91 -32.73 -9.45
N GLU B 276 -30.91 -33.23 -10.20
CA GLU B 276 -32.20 -32.56 -10.27
C GLU B 276 -32.91 -32.51 -8.94
N ASP B 277 -32.52 -33.33 -7.97
CA ASP B 277 -33.04 -33.19 -6.61
C ASP B 277 -32.55 -31.90 -5.98
N TYR B 278 -31.36 -31.44 -6.39
CA TYR B 278 -30.74 -30.22 -5.85
C TYR B 278 -30.89 -29.05 -6.80
N PHE B 279 -30.86 -29.29 -8.12
CA PHE B 279 -30.91 -28.26 -9.15
C PHE B 279 -31.98 -28.58 -10.19
N PRO B 280 -33.22 -28.12 -10.00
CA PRO B 280 -34.27 -28.44 -10.96
C PRO B 280 -33.95 -27.98 -12.37
N GLU B 281 -33.03 -27.03 -12.54
CA GLU B 281 -32.58 -26.64 -13.86
C GLU B 281 -31.91 -27.79 -14.62
N PHE B 282 -31.33 -28.75 -13.89
CA PHE B 282 -30.60 -29.84 -14.53
C PHE B 282 -31.49 -30.69 -15.45
N ALA B 283 -32.76 -30.86 -15.07
CA ALA B 283 -33.72 -31.56 -15.93
C ALA B 283 -33.96 -30.82 -17.26
N ARG B 284 -33.78 -29.49 -17.26
CA ARG B 284 -33.87 -28.66 -18.48
C ARG B 284 -32.52 -28.54 -19.18
N TYR B 285 -31.41 -28.69 -18.46
CA TYR B 285 -30.07 -28.43 -19.00
C TYR B 285 -29.61 -29.49 -19.99
N THR B 286 -28.96 -29.03 -21.06
CA THR B 286 -28.43 -29.87 -22.11
C THR B 286 -26.98 -29.50 -22.40
N THR B 287 -26.15 -30.50 -22.57
CA THR B 287 -24.71 -30.30 -22.71
C THR B 287 -24.39 -29.33 -23.84
N PRO B 288 -23.56 -28.32 -23.60
CA PRO B 288 -23.31 -27.30 -24.63
C PRO B 288 -22.40 -27.82 -25.74
N GLU B 289 -22.53 -27.22 -26.93
CA GLU B 289 -21.66 -27.57 -28.04
C GLU B 289 -20.19 -27.23 -27.74
N ASP B 290 -19.95 -26.31 -26.80
CA ASP B 290 -18.61 -26.11 -26.24
C ASP B 290 -17.97 -27.39 -25.72
N ALA B 291 -18.78 -28.29 -25.17
CA ALA B 291 -18.21 -29.36 -24.36
C ALA B 291 -17.30 -30.28 -25.17
N THR B 292 -16.09 -30.48 -24.63
CA THR B 292 -15.09 -31.40 -25.17
C THR B 292 -14.79 -32.49 -24.13
N PRO B 293 -15.70 -33.43 -23.94
CA PRO B 293 -15.44 -34.54 -23.01
C PRO B 293 -14.30 -35.42 -23.48
N GLU B 294 -13.51 -35.92 -22.51
CA GLU B 294 -12.46 -36.90 -22.79
C GLU B 294 -13.09 -38.19 -23.36
N PRO B 295 -12.40 -38.87 -24.27
CA PRO B 295 -12.90 -40.12 -24.83
C PRO B 295 -13.21 -41.17 -23.77
N GLY B 296 -14.31 -41.89 -23.95
CA GLY B 296 -14.82 -42.84 -22.98
C GLY B 296 -15.61 -42.23 -21.83
N GLU B 297 -15.70 -40.91 -21.76
CA GLU B 297 -16.60 -40.27 -20.80
C GLU B 297 -18.05 -40.47 -21.19
N ASP B 298 -18.86 -40.90 -20.23
CA ASP B 298 -20.29 -41.04 -20.44
C ASP B 298 -20.94 -39.65 -20.55
N PRO B 299 -21.84 -39.45 -21.51
CA PRO B 299 -22.47 -38.13 -21.68
C PRO B 299 -23.25 -37.66 -20.47
N ARG B 300 -23.66 -38.53 -19.56
CA ARG B 300 -24.24 -38.08 -18.30
C ARG B 300 -23.20 -37.39 -17.40
N VAL B 301 -21.98 -37.94 -17.35
CA VAL B 301 -20.90 -37.29 -16.61
C VAL B 301 -20.55 -35.95 -17.22
N THR B 302 -20.54 -35.86 -18.55
CA THR B 302 -20.32 -34.59 -19.23
C THR B 302 -21.40 -33.57 -18.93
N ARG B 303 -22.66 -33.98 -19.04
CA ARG B 303 -23.79 -33.07 -18.77
C ARG B 303 -23.80 -32.58 -17.32
N ALA B 304 -23.51 -33.48 -16.36
CA ALA B 304 -23.39 -33.10 -14.97
C ALA B 304 -22.26 -32.08 -14.73
N LYS B 305 -21.03 -32.40 -15.18
CA LYS B 305 -19.89 -31.53 -14.93
C LYS B 305 -20.02 -30.19 -15.63
N TYR B 306 -20.50 -30.18 -16.87
CA TYR B 306 -20.70 -28.91 -17.55
C TYR B 306 -21.89 -28.13 -16.97
N PHE B 307 -22.90 -28.80 -16.43
CA PHE B 307 -23.95 -28.11 -15.70
C PHE B 307 -23.38 -27.40 -14.47
N ILE B 308 -22.57 -28.09 -13.68
CA ILE B 308 -21.95 -27.50 -12.50
C ILE B 308 -21.09 -26.30 -12.90
N ARG B 309 -20.30 -26.45 -13.97
CA ARG B 309 -19.56 -25.33 -14.53
C ARG B 309 -20.47 -24.15 -14.85
N ASP B 310 -21.57 -24.40 -15.58
CA ASP B 310 -22.43 -23.31 -16.02
C ASP B 310 -23.22 -22.71 -14.89
N GLU B 311 -23.47 -23.48 -13.82
CA GLU B 311 -23.98 -22.94 -12.57
C GLU B 311 -23.02 -21.92 -11.95
N PHE B 312 -21.71 -22.17 -12.05
CA PHE B 312 -20.77 -21.10 -11.62
C PHE B 312 -20.65 -19.96 -12.62
N LEU B 313 -20.65 -20.28 -13.92
CA LEU B 313 -20.56 -19.25 -14.95
C LEU B 313 -21.76 -18.31 -15.02
N ARG B 314 -22.96 -18.78 -14.68
CA ARG B 314 -24.10 -17.86 -14.68
C ARG B 314 -23.95 -16.78 -13.63
N ILE B 315 -23.21 -17.09 -12.57
CA ILE B 315 -22.79 -16.07 -11.62
C ILE B 315 -21.69 -15.23 -12.22
N SER B 316 -20.67 -15.88 -12.78
CA SER B 316 -19.51 -15.21 -13.36
C SER B 316 -19.89 -14.18 -14.43
N THR B 317 -20.92 -14.48 -15.21
CA THR B 317 -21.34 -13.63 -16.31
C THR B 317 -22.37 -12.57 -15.93
N ALA B 318 -22.92 -12.62 -14.70
CA ALA B 318 -23.96 -11.66 -14.33
C ALA B 318 -23.44 -10.27 -13.94
N SER B 319 -22.18 -10.14 -13.56
CA SER B 319 -21.61 -8.83 -13.25
C SER B 319 -20.10 -8.85 -13.43
N GLY B 320 -19.53 -7.69 -13.76
CA GLY B 320 -18.07 -7.58 -13.80
C GLY B 320 -17.60 -6.61 -14.87
N ASP B 321 -18.45 -6.39 -15.87
CA ASP B 321 -18.16 -5.43 -16.97
C ASP B 321 -16.83 -5.71 -17.66
N GLY B 322 -16.40 -6.98 -17.61
CA GLY B 322 -15.10 -7.38 -18.14
C GLY B 322 -13.89 -7.02 -17.30
N ARG B 323 -14.09 -6.44 -16.12
CA ARG B 323 -12.95 -6.15 -15.24
C ARG B 323 -12.27 -7.42 -14.75
N HIS B 324 -13.02 -8.52 -14.65
CA HIS B 324 -12.49 -9.79 -14.20
C HIS B 324 -13.28 -10.92 -14.86
N TYR B 325 -12.64 -12.08 -14.98
CA TYR B 325 -13.20 -13.24 -15.68
C TYR B 325 -13.02 -14.52 -14.89
N CYS B 326 -13.76 -15.54 -15.28
CA CYS B 326 -13.77 -16.83 -14.63
C CYS B 326 -13.26 -17.90 -15.55
N TYR B 327 -12.40 -18.77 -15.04
CA TYR B 327 -11.63 -19.74 -15.82
C TYR B 327 -11.86 -21.13 -15.25
N PRO B 328 -12.91 -21.82 -15.69
CA PRO B 328 -13.22 -23.15 -15.16
C PRO B 328 -12.27 -24.20 -15.68
N HIS B 329 -11.85 -25.10 -14.80
CA HIS B 329 -11.14 -26.32 -15.17
C HIS B 329 -11.70 -27.51 -14.40
N PHE B 330 -11.79 -28.66 -15.09
CA PHE B 330 -12.15 -29.92 -14.47
C PHE B 330 -10.88 -30.63 -13.99
N THR B 331 -10.77 -30.86 -12.69
CA THR B 331 -9.54 -31.30 -12.06
C THR B 331 -9.77 -32.53 -11.18
N CYS B 332 -8.68 -33.27 -10.93
CA CYS B 332 -8.63 -34.40 -10.00
C CYS B 332 -7.37 -34.27 -9.14
N SER B 333 -7.28 -35.07 -8.09
CA SER B 333 -6.05 -35.08 -7.30
C SER B 333 -4.86 -35.58 -8.12
N VAL B 334 -5.08 -36.62 -8.92
CA VAL B 334 -4.01 -37.17 -9.74
C VAL B 334 -3.49 -36.22 -10.80
N ASP B 335 -4.12 -35.08 -10.98
CA ASP B 335 -3.68 -34.16 -12.02
C ASP B 335 -2.37 -33.47 -11.66
N THR B 336 -1.35 -33.68 -12.47
CA THR B 336 -0.08 -32.93 -12.41
C THR B 336 -0.17 -31.57 -13.07
N GLU B 337 -1.10 -31.42 -14.02
CA GLU B 337 -1.18 -30.24 -14.87
C GLU B 337 -1.88 -29.05 -14.22
N ASN B 338 -2.20 -29.12 -12.94
CA ASN B 338 -2.85 -28.00 -12.27
C ASN B 338 -1.95 -26.76 -12.25
N ALA B 339 -0.65 -26.96 -12.08
CA ALA B 339 0.29 -25.80 -12.16
C ALA B 339 0.32 -25.21 -13.57
N ARG B 340 0.29 -26.08 -14.59
CA ARG B 340 0.19 -25.62 -15.98
C ARG B 340 -1.11 -24.85 -16.19
N ARG B 341 -2.21 -25.34 -15.64
CA ARG B 341 -3.49 -24.64 -15.73
C ARG B 341 -3.44 -23.25 -15.13
N ILE B 342 -2.90 -23.16 -13.92
CA ILE B 342 -2.72 -21.87 -13.25
C ILE B 342 -1.82 -20.94 -14.03
N PHE B 343 -0.72 -21.45 -14.59
CA PHE B 343 0.17 -20.66 -15.43
C PHE B 343 -0.58 -20.08 -16.62
N ASN B 344 -1.30 -20.92 -17.36
CA ASN B 344 -2.07 -20.51 -18.52
C ASN B 344 -3.16 -19.50 -18.16
N ASP B 345 -3.90 -19.74 -17.08
CA ASP B 345 -4.93 -18.80 -16.65
C ASP B 345 -4.35 -17.45 -16.23
N CYS B 346 -3.25 -17.43 -15.50
CA CYS B 346 -2.62 -16.17 -15.13
C CYS B 346 -2.13 -15.42 -16.37
N ARG B 347 -1.51 -16.14 -17.30
CA ARG B 347 -1.17 -15.57 -18.61
C ARG B 347 -2.36 -14.92 -19.28
N ASP B 348 -3.46 -15.64 -19.42
CA ASP B 348 -4.63 -15.12 -20.14
C ASP B 348 -5.43 -14.10 -19.31
N ILE B 349 -5.16 -13.99 -18.02
CA ILE B 349 -5.73 -12.91 -17.20
C ILE B 349 -4.96 -11.62 -17.42
N ILE B 350 -3.65 -11.69 -17.33
CA ILE B 350 -2.83 -10.49 -17.50
C ILE B 350 -2.94 -10.01 -18.94
N GLN B 351 -3.00 -10.95 -19.89
CA GLN B 351 -3.31 -10.62 -21.29
C GLN B 351 -4.65 -9.92 -21.44
N ARG B 352 -5.72 -10.46 -20.87
CA ARG B 352 -7.01 -9.79 -20.98
C ARG B 352 -6.98 -8.40 -20.35
N MET B 353 -6.38 -8.28 -19.17
CA MET B 353 -6.27 -6.98 -18.51
C MET B 353 -5.55 -5.95 -19.38
N HIS B 354 -4.42 -6.31 -19.95
CA HIS B 354 -3.69 -5.38 -20.80
C HIS B 354 -4.40 -5.09 -22.10
N LEU B 355 -4.96 -6.10 -22.77
CA LEU B 355 -5.74 -5.84 -23.97
C LEU B 355 -6.95 -4.94 -23.68
N ARG B 356 -7.54 -5.06 -22.48
CA ARG B 356 -8.57 -4.12 -22.06
C ARG B 356 -8.01 -2.71 -21.83
N GLN B 357 -6.86 -2.59 -21.16
CA GLN B 357 -6.21 -1.30 -21.01
C GLN B 357 -5.92 -0.66 -22.38
N TYR B 358 -5.53 -1.47 -23.37
CA TYR B 358 -5.24 -1.00 -24.72
C TYR B 358 -6.46 -0.81 -25.59
N GLU B 359 -7.65 -0.93 -25.04
CA GLU B 359 -8.91 -0.83 -25.81
C GLU B 359 -8.96 -1.82 -26.99
N LEU B 360 -8.18 -2.89 -26.89
CA LEU B 360 -8.19 -3.98 -27.87
C LEU B 360 -9.23 -5.06 -27.53
N LEU B 361 -9.71 -5.09 -26.30
CA LEU B 361 -10.69 -6.07 -25.84
C LEU B 361 -11.67 -5.36 -24.89
N GLN C 23 -29.81 -1.37 18.58
CA GLN C 23 -29.09 -2.65 18.51
C GLN C 23 -29.61 -3.52 17.38
N VAL C 24 -28.69 -4.16 16.65
CA VAL C 24 -29.10 -5.06 15.56
C VAL C 24 -29.73 -6.30 16.18
N GLN C 25 -31.03 -6.49 15.92
CA GLN C 25 -31.73 -7.68 16.36
C GLN C 25 -32.74 -8.11 15.31
N LEU C 26 -32.96 -9.40 15.22
CA LEU C 26 -33.73 -10.06 14.18
C LEU C 26 -34.65 -11.10 14.85
N GLN C 27 -35.85 -10.67 15.25
CA GLN C 27 -36.77 -11.61 15.90
C GLN C 27 -37.54 -12.38 14.82
N GLU C 28 -36.99 -13.51 14.41
CA GLU C 28 -37.65 -14.47 13.53
C GLU C 28 -38.79 -15.18 14.24
N SER C 29 -39.82 -15.53 13.48
CA SER C 29 -41.08 -15.98 14.05
C SER C 29 -41.87 -16.75 13.01
N GLY C 30 -42.95 -17.39 13.46
CA GLY C 30 -43.94 -18.02 12.59
C GLY C 30 -43.74 -19.50 12.33
N GLY C 31 -42.84 -20.16 13.07
CA GLY C 31 -42.57 -21.57 12.90
C GLY C 31 -43.55 -22.49 13.60
N GLY C 32 -43.05 -23.67 13.97
CA GLY C 32 -43.84 -24.72 14.64
C GLY C 32 -43.98 -25.97 13.82
N LEU C 33 -44.85 -26.84 14.31
CA LEU C 33 -45.20 -28.08 13.62
C LEU C 33 -46.10 -27.83 12.43
N VAL C 34 -45.88 -28.59 11.36
CA VAL C 34 -46.68 -28.54 10.13
C VAL C 34 -46.63 -29.92 9.48
N GLN C 35 -47.70 -30.28 8.74
CA GLN C 35 -47.74 -31.52 8.00
C GLN C 35 -47.03 -31.35 6.68
N PRO C 36 -46.46 -32.44 6.13
CA PRO C 36 -46.01 -32.45 4.74
C PRO C 36 -47.10 -31.92 3.80
N GLY C 37 -46.69 -31.09 2.84
CA GLY C 37 -47.61 -30.40 1.93
C GLY C 37 -48.25 -29.14 2.48
N GLY C 38 -48.10 -28.86 3.77
CA GLY C 38 -48.60 -27.62 4.36
C GLY C 38 -47.70 -26.45 4.03
N SER C 39 -48.00 -25.32 4.65
CA SER C 39 -47.33 -24.06 4.35
C SER C 39 -47.14 -23.27 5.66
N LEU C 40 -46.10 -22.46 5.69
CA LEU C 40 -45.87 -21.52 6.76
C LEU C 40 -45.43 -20.18 6.13
N ARG C 41 -45.88 -19.07 6.73
CA ARG C 41 -45.30 -17.76 6.45
C ARG C 41 -44.39 -17.36 7.59
N LEU C 42 -43.09 -17.63 7.40
CA LEU C 42 -42.10 -17.09 8.31
C LEU C 42 -42.07 -15.58 8.21
N SER C 43 -41.86 -14.92 9.34
CA SER C 43 -41.79 -13.47 9.43
C SER C 43 -40.61 -13.09 10.33
N CYS C 44 -39.94 -12.00 9.97
CA CYS C 44 -38.73 -11.55 10.65
C CYS C 44 -38.82 -10.04 10.86
N ALA C 45 -39.15 -9.63 12.08
CA ALA C 45 -39.17 -8.21 12.42
C ALA C 45 -37.73 -7.72 12.57
N ALA C 46 -37.32 -6.82 11.69
CA ALA C 46 -36.00 -6.20 11.72
C ALA C 46 -36.03 -4.88 12.48
N SER C 47 -35.11 -4.71 13.45
CA SER C 47 -35.07 -3.50 14.25
C SER C 47 -33.64 -2.97 14.38
N GLY C 48 -33.47 -1.67 14.24
CA GLY C 48 -32.21 -1.01 14.56
C GLY C 48 -31.16 -0.92 13.49
N PHE C 49 -31.48 -1.18 12.20
CA PHE C 49 -30.41 -1.22 11.22
C PHE C 49 -30.82 -0.62 9.85
N THR C 50 -31.88 0.16 9.77
CA THR C 50 -32.31 0.80 8.50
C THR C 50 -32.51 -0.26 7.40
N PHE C 51 -33.42 -1.17 7.70
CA PHE C 51 -33.63 -2.45 7.02
C PHE C 51 -33.44 -2.42 5.52
N SER C 52 -34.08 -1.49 4.86
CA SER C 52 -34.04 -1.41 3.40
C SER C 52 -32.72 -0.86 2.80
N ASN C 53 -31.62 -0.73 3.55
CA ASN C 53 -30.30 -0.63 2.93
C ASN C 53 -29.61 -1.98 2.76
N TYR C 54 -30.13 -3.04 3.36
CA TYR C 54 -29.44 -4.32 3.44
C TYR C 54 -30.18 -5.39 2.65
N LYS C 55 -29.42 -6.07 1.79
CA LYS C 55 -29.86 -7.35 1.27
C LYS C 55 -30.15 -8.29 2.46
N MET C 56 -31.20 -9.10 2.31
CA MET C 56 -31.65 -9.98 3.35
C MET C 56 -31.70 -11.41 2.85
N ASN C 57 -31.48 -12.34 3.76
CA ASN C 57 -31.38 -13.77 3.45
C ASN C 57 -32.19 -14.56 4.47
N TRP C 58 -32.65 -15.71 4.04
CA TRP C 58 -33.03 -16.78 4.94
C TRP C 58 -31.98 -17.88 4.92
N VAL C 59 -31.68 -18.40 6.12
CA VAL C 59 -30.66 -19.39 6.36
C VAL C 59 -31.30 -20.49 7.20
N ARG C 60 -30.67 -21.67 7.18
CA ARG C 60 -31.31 -22.89 7.68
C ARG C 60 -30.24 -23.82 8.26
N GLN C 61 -30.61 -24.57 9.28
CA GLN C 61 -29.80 -25.66 9.81
C GLN C 61 -30.71 -26.84 10.13
N ALA C 62 -30.64 -27.86 9.27
CA ALA C 62 -31.29 -29.11 9.56
C ALA C 62 -30.55 -29.84 10.69
N PRO C 63 -31.23 -30.75 11.41
CA PRO C 63 -30.59 -31.43 12.54
C PRO C 63 -29.28 -32.12 12.20
N GLY C 64 -28.20 -31.69 12.85
CA GLY C 64 -26.88 -32.22 12.61
C GLY C 64 -26.24 -31.81 11.30
N LYS C 65 -26.95 -31.05 10.46
CA LYS C 65 -26.43 -30.49 9.22
C LYS C 65 -25.68 -29.18 9.49
N GLY C 66 -24.95 -28.74 8.46
CA GLY C 66 -24.43 -27.40 8.37
C GLY C 66 -25.52 -26.35 8.19
N LEU C 67 -25.07 -25.10 8.11
CA LEU C 67 -25.94 -23.95 8.17
C LEU C 67 -26.30 -23.46 6.76
N GLU C 68 -27.11 -24.26 6.08
CA GLU C 68 -27.53 -24.02 4.71
C GLU C 68 -28.20 -22.65 4.50
N TRP C 69 -27.75 -21.92 3.49
CA TRP C 69 -28.51 -20.81 2.96
C TRP C 69 -29.74 -21.35 2.20
N VAL C 70 -30.87 -20.63 2.26
CA VAL C 70 -32.06 -21.06 1.53
C VAL C 70 -32.65 -20.01 0.59
N SER C 71 -32.60 -18.73 0.96
CA SER C 71 -33.08 -17.70 0.05
C SER C 71 -32.44 -16.34 0.37
N ASP C 72 -32.50 -15.47 -0.64
CA ASP C 72 -31.87 -14.16 -0.64
C ASP C 72 -32.85 -13.19 -1.28
N ILE C 73 -32.98 -11.99 -0.70
CA ILE C 73 -33.71 -10.89 -1.34
C ILE C 73 -32.90 -9.60 -1.23
N SER C 74 -32.73 -8.92 -2.35
CA SER C 74 -32.06 -7.63 -2.41
C SER C 74 -32.85 -6.56 -1.67
N GLN C 75 -32.15 -5.47 -1.31
CA GLN C 75 -32.73 -4.45 -0.43
C GLN C 75 -33.88 -3.70 -1.08
N SER C 76 -33.97 -3.69 -2.41
CA SER C 76 -35.14 -3.15 -3.12
C SER C 76 -36.27 -4.15 -3.25
N GLY C 77 -36.02 -5.43 -2.98
CA GLY C 77 -36.96 -6.48 -3.33
C GLY C 77 -36.94 -6.91 -4.79
N ALA C 78 -36.19 -6.21 -5.67
CA ALA C 78 -36.29 -6.43 -7.10
C ALA C 78 -35.55 -7.69 -7.56
N SER C 79 -34.62 -8.18 -6.75
CA SER C 79 -33.82 -9.36 -7.10
C SER C 79 -33.85 -10.40 -5.98
N ILE C 80 -33.99 -11.67 -6.37
CA ILE C 80 -34.35 -12.76 -5.46
C ILE C 80 -33.59 -14.00 -5.94
N SER C 81 -33.31 -14.91 -5.01
CA SER C 81 -32.73 -16.21 -5.35
C SER C 81 -33.15 -17.26 -4.33
N TYR C 82 -33.03 -18.52 -4.74
CA TYR C 82 -33.35 -19.69 -3.93
C TYR C 82 -32.36 -20.80 -4.25
N THR C 83 -32.30 -21.81 -3.39
CA THR C 83 -31.31 -22.88 -3.56
C THR C 83 -31.60 -23.79 -4.74
N GLY C 84 -32.82 -23.78 -5.24
CA GLY C 84 -33.28 -24.82 -6.17
C GLY C 84 -34.01 -25.96 -5.47
N SER C 85 -33.44 -26.47 -4.37
CA SER C 85 -34.17 -27.41 -3.53
C SER C 85 -35.48 -26.84 -2.99
N VAL C 86 -35.63 -25.51 -2.98
CA VAL C 86 -36.80 -24.82 -2.49
C VAL C 86 -37.42 -23.90 -3.54
N LYS C 87 -36.88 -23.86 -4.77
CA LYS C 87 -37.02 -22.68 -5.64
C LYS C 87 -38.49 -22.45 -6.01
N GLY C 88 -39.23 -23.51 -6.32
CA GLY C 88 -40.66 -23.37 -6.59
C GLY C 88 -41.50 -23.26 -5.33
N ARG C 89 -41.00 -23.78 -4.22
CA ARG C 89 -41.79 -24.03 -3.01
C ARG C 89 -41.73 -22.87 -2.03
N PHE C 90 -40.70 -22.04 -2.11
CA PHE C 90 -40.45 -20.95 -1.15
C PHE C 90 -40.53 -19.63 -1.89
N THR C 91 -41.26 -18.69 -1.29
CA THR C 91 -41.28 -17.29 -1.71
C THR C 91 -40.70 -16.43 -0.61
N ILE C 92 -39.59 -15.78 -0.88
CA ILE C 92 -39.08 -14.73 -0.02
C ILE C 92 -39.78 -13.42 -0.36
N SER C 93 -40.12 -12.64 0.67
CA SER C 93 -40.86 -11.40 0.49
C SER C 93 -40.41 -10.42 1.57
N ARG C 94 -40.74 -9.15 1.37
CA ARG C 94 -40.04 -8.07 2.08
C ARG C 94 -40.91 -6.83 2.18
N ASP C 95 -41.13 -6.36 3.41
CA ASP C 95 -41.89 -5.15 3.68
C ASP C 95 -40.93 -4.13 4.26
N ASN C 96 -40.40 -3.26 3.38
CA ASN C 96 -39.45 -2.24 3.79
C ASN C 96 -40.05 -1.19 4.72
N ALA C 97 -41.33 -0.86 4.56
CA ALA C 97 -41.99 0.08 5.46
C ALA C 97 -42.15 -0.49 6.88
N LYS C 98 -42.52 -1.76 7.02
CA LYS C 98 -42.66 -2.36 8.34
C LYS C 98 -41.43 -3.14 8.80
N ASN C 99 -40.29 -2.91 8.14
CA ASN C 99 -38.99 -3.54 8.41
C ASN C 99 -39.12 -5.03 8.72
N THR C 100 -39.86 -5.75 7.87
CA THR C 100 -40.17 -7.15 8.09
C THR C 100 -39.79 -7.95 6.86
N LEU C 101 -39.02 -9.00 7.07
CA LEU C 101 -38.74 -10.02 6.06
C LEU C 101 -39.70 -11.19 6.20
N TYR C 102 -40.12 -11.73 5.07
CA TYR C 102 -41.06 -12.83 5.00
C TYR C 102 -40.45 -13.97 4.21
N LEU C 103 -40.86 -15.19 4.58
CA LEU C 103 -40.63 -16.39 3.76
C LEU C 103 -41.93 -17.18 3.68
N GLN C 104 -42.66 -17.03 2.56
CA GLN C 104 -43.83 -17.87 2.31
C GLN C 104 -43.39 -19.22 1.77
N MET C 105 -43.14 -20.16 2.68
CA MET C 105 -42.75 -21.52 2.32
C MET C 105 -44.00 -22.38 2.26
N ASN C 106 -44.37 -22.81 1.04
CA ASN C 106 -45.78 -23.11 0.74
C ASN C 106 -46.07 -24.59 0.45
N SER C 107 -45.07 -25.46 0.39
CA SER C 107 -45.20 -26.88 -0.03
C SER C 107 -44.18 -27.75 0.69
N LEU C 108 -44.25 -27.78 2.01
CA LEU C 108 -43.16 -28.27 2.85
C LEU C 108 -42.99 -29.78 2.77
N LYS C 109 -41.79 -30.24 3.06
CA LYS C 109 -41.47 -31.66 3.14
C LYS C 109 -40.53 -31.91 4.31
N PRO C 110 -40.41 -33.15 4.79
CA PRO C 110 -39.60 -33.40 6.01
C PRO C 110 -38.18 -32.85 5.99
N GLU C 111 -37.52 -32.87 4.84
CA GLU C 111 -36.19 -32.29 4.70
C GLU C 111 -36.16 -30.81 5.06
N ASP C 112 -37.30 -30.13 4.96
CA ASP C 112 -37.36 -28.74 5.41
C ASP C 112 -37.37 -28.58 6.93
N THR C 113 -37.52 -29.68 7.69
CA THR C 113 -37.49 -29.60 9.14
C THR C 113 -36.14 -29.07 9.61
N ALA C 114 -36.13 -27.87 10.20
CA ALA C 114 -34.91 -27.17 10.59
C ALA C 114 -35.26 -25.97 11.44
N VAL C 115 -34.26 -25.45 12.14
CA VAL C 115 -34.29 -24.09 12.63
C VAL C 115 -34.04 -23.14 11.48
N TYR C 116 -34.92 -22.18 11.29
CA TYR C 116 -34.81 -21.15 10.27
C TYR C 116 -34.33 -19.84 10.86
N TYR C 117 -33.26 -19.30 10.27
CA TYR C 117 -32.59 -18.10 10.78
C TYR C 117 -32.75 -16.97 9.77
N CYS C 118 -33.33 -15.86 10.21
CA CYS C 118 -33.29 -14.63 9.44
C CYS C 118 -31.90 -14.02 9.55
N ALA C 119 -31.17 -13.92 8.44
CA ALA C 119 -29.78 -13.48 8.42
C ALA C 119 -29.65 -12.25 7.54
N ARG C 120 -29.16 -11.14 8.11
CA ARG C 120 -28.90 -9.93 7.35
C ARG C 120 -27.55 -10.00 6.65
N CYS C 121 -27.49 -9.40 5.46
CA CYS C 121 -26.20 -9.17 4.82
C CYS C 121 -25.34 -8.26 5.72
N PRO C 122 -24.01 -8.38 5.64
CA PRO C 122 -23.16 -7.73 6.63
C PRO C 122 -23.18 -6.23 6.54
N ALA C 123 -23.01 -5.70 5.33
CA ALA C 123 -22.88 -4.26 5.07
C ALA C 123 -24.02 -3.77 4.19
N PRO C 124 -24.43 -2.52 4.31
CA PRO C 124 -25.46 -1.98 3.43
C PRO C 124 -24.96 -1.84 2.00
N PHE C 125 -25.88 -1.87 1.05
CA PHE C 125 -25.64 -1.62 -0.37
C PHE C 125 -24.75 -2.67 -1.03
N THR C 126 -24.24 -3.67 -0.31
CA THR C 126 -23.43 -4.72 -0.92
C THR C 126 -24.27 -5.75 -1.67
N ARG C 127 -23.73 -6.24 -2.78
CA ARG C 127 -24.32 -7.39 -3.48
C ARG C 127 -23.82 -8.73 -2.96
N ASP C 128 -22.58 -8.81 -2.47
CA ASP C 128 -22.06 -9.98 -1.80
C ASP C 128 -22.55 -10.03 -0.34
N CYS C 129 -22.75 -11.27 0.17
CA CYS C 129 -23.04 -11.53 1.59
C CYS C 129 -22.22 -12.76 2.00
N PHE C 130 -20.96 -12.53 2.39
CA PHE C 130 -20.05 -13.64 2.68
C PHE C 130 -20.55 -14.53 3.79
N ASP C 131 -20.87 -13.95 4.95
CA ASP C 131 -20.83 -14.65 6.23
C ASP C 131 -22.19 -15.06 6.77
N VAL C 132 -23.25 -14.93 5.98
CA VAL C 132 -24.60 -15.16 6.47
C VAL C 132 -24.80 -16.60 6.93
N THR C 133 -23.98 -17.53 6.43
CA THR C 133 -23.98 -18.92 6.84
C THR C 133 -22.91 -19.24 7.84
N SER C 134 -22.10 -18.27 8.26
CA SER C 134 -21.01 -18.56 9.18
C SER C 134 -21.55 -19.01 10.54
N THR C 135 -20.82 -19.94 11.17
CA THR C 135 -21.35 -20.68 12.31
C THR C 135 -21.74 -19.73 13.44
N THR C 136 -20.88 -18.79 13.78
CA THR C 136 -21.24 -17.59 14.50
C THR C 136 -21.27 -16.42 13.55
N TYR C 137 -22.37 -15.66 13.59
CA TYR C 137 -22.54 -14.48 12.72
C TYR C 137 -23.54 -13.54 13.39
N ALA C 138 -23.17 -12.27 13.54
CA ALA C 138 -23.84 -11.42 14.51
C ALA C 138 -25.17 -10.90 13.99
N TYR C 139 -25.28 -10.66 12.70
CA TYR C 139 -26.46 -10.04 12.11
C TYR C 139 -27.42 -11.09 11.57
N ARG C 140 -27.77 -12.02 12.45
CA ARG C 140 -28.66 -13.13 12.13
C ARG C 140 -29.52 -13.41 13.35
N GLY C 141 -30.77 -13.76 13.13
CA GLY C 141 -31.74 -13.91 14.21
C GLY C 141 -31.50 -15.08 15.13
N GLN C 142 -32.32 -15.14 16.18
CA GLN C 142 -32.25 -16.25 17.11
C GLN C 142 -32.57 -17.57 16.43
N GLY C 143 -33.40 -17.54 15.42
CA GLY C 143 -33.81 -18.70 14.65
C GLY C 143 -35.19 -19.20 15.01
N THR C 144 -35.88 -19.71 14.02
CA THR C 144 -37.25 -20.21 14.14
C THR C 144 -37.27 -21.71 13.87
N GLN C 145 -37.72 -22.48 14.85
CA GLN C 145 -37.90 -23.91 14.65
C GLN C 145 -39.08 -24.13 13.71
N VAL C 146 -38.83 -24.81 12.60
CA VAL C 146 -39.84 -25.40 11.73
C VAL C 146 -39.67 -26.92 11.76
N THR C 147 -40.68 -27.62 12.25
CA THR C 147 -40.65 -29.08 12.22
C THR C 147 -41.73 -29.54 11.27
N VAL C 148 -41.34 -30.31 10.25
CA VAL C 148 -42.29 -30.92 9.33
C VAL C 148 -42.45 -32.39 9.69
N SER C 149 -43.68 -32.81 9.99
CA SER C 149 -43.95 -34.15 10.50
C SER C 149 -43.45 -35.24 9.57
N GLU D 8 -32.41 -23.59 31.58
CA GLU D 8 -32.71 -23.84 30.20
C GLU D 8 -32.44 -22.62 29.34
N LEU D 9 -32.08 -22.85 28.08
CA LEU D 9 -31.65 -21.78 27.18
C LEU D 9 -32.71 -20.67 27.04
N ASP D 10 -33.98 -21.02 26.95
CA ASP D 10 -35.05 -20.03 26.82
C ASP D 10 -35.14 -19.11 28.04
N GLN D 11 -34.93 -19.66 29.23
CA GLN D 11 -34.93 -18.81 30.43
C GLN D 11 -33.73 -17.85 30.45
N LEU D 12 -32.56 -18.34 30.07
CA LEU D 12 -31.39 -17.45 29.95
C LEU D 12 -31.59 -16.38 28.87
N ARG D 13 -32.21 -16.74 27.75
CA ARG D 13 -32.55 -15.77 26.71
C ARG D 13 -33.53 -14.71 27.19
N GLN D 14 -34.51 -15.11 27.99
CA GLN D 14 -35.44 -14.15 28.57
C GLN D 14 -34.78 -13.25 29.59
N GLU D 15 -33.87 -13.80 30.42
CA GLU D 15 -33.11 -12.94 31.34
C GLU D 15 -32.19 -11.98 30.59
N ALA D 16 -31.56 -12.44 29.51
CA ALA D 16 -30.73 -11.57 28.67
C ALA D 16 -31.56 -10.42 28.04
N GLU D 17 -32.75 -10.74 27.50
CA GLU D 17 -33.65 -9.71 26.99
C GLU D 17 -34.10 -8.72 28.08
N GLN D 18 -34.43 -9.22 29.27
CA GLN D 18 -34.80 -8.36 30.39
C GLN D 18 -33.67 -7.42 30.78
N LEU D 19 -32.43 -7.92 30.95
CA LEU D 19 -31.31 -7.07 31.28
C LEU D 19 -30.97 -6.09 30.16
N LYS D 20 -31.10 -6.52 28.91
CA LYS D 20 -30.98 -5.62 27.79
C LYS D 20 -31.99 -4.48 27.84
N ASN D 21 -33.25 -4.77 28.19
CA ASN D 21 -34.26 -3.73 28.35
C ASN D 21 -33.97 -2.84 29.54
N GLN D 22 -33.50 -3.38 30.64
CA GLN D 22 -33.08 -2.56 31.77
C GLN D 22 -31.94 -1.62 31.40
N ILE D 23 -30.92 -2.12 30.68
CA ILE D 23 -29.84 -1.26 30.20
C ILE D 23 -30.36 -0.17 29.27
N ARG D 24 -31.19 -0.54 28.29
CA ARG D 24 -31.78 0.41 27.33
C ARG D 24 -32.63 1.47 28.02
N ASP D 25 -33.43 1.06 29.00
CA ASP D 25 -34.20 2.01 29.79
C ASP D 25 -33.32 2.93 30.61
N ALA D 26 -32.26 2.44 31.24
CA ALA D 26 -31.36 3.31 32.00
C ALA D 26 -30.66 4.32 31.08
N ARG D 27 -30.30 3.90 29.87
CA ARG D 27 -29.77 4.82 28.87
C ARG D 27 -30.79 5.89 28.48
N LYS D 28 -31.99 5.47 28.11
CA LYS D 28 -33.06 6.41 27.75
C LYS D 28 -33.42 7.34 28.91
N ALA D 29 -33.33 6.84 30.16
CA ALA D 29 -33.56 7.66 31.33
C ALA D 29 -32.48 8.72 31.51
N CYS D 30 -31.23 8.39 31.20
CA CYS D 30 -30.16 9.38 31.26
C CYS D 30 -29.95 10.17 29.96
N ALA D 31 -30.64 9.82 28.87
CA ALA D 31 -30.71 10.69 27.69
C ALA D 31 -31.66 11.85 27.97
N ASP D 32 -31.16 12.81 28.76
CA ASP D 32 -31.93 14.04 29.00
C ASP D 32 -31.91 14.96 27.79
N ALA D 33 -30.75 15.15 27.17
CA ALA D 33 -30.63 15.94 25.94
C ALA D 33 -29.48 15.42 25.08
N THR D 34 -29.63 15.55 23.75
CA THR D 34 -28.59 15.15 22.81
C THR D 34 -27.43 16.14 22.79
N LEU D 35 -26.26 15.63 22.40
CA LEU D 35 -25.05 16.45 22.17
C LEU D 35 -25.29 17.57 21.15
N SER D 36 -26.03 17.27 20.07
CA SER D 36 -26.40 18.28 19.08
C SER D 36 -27.12 19.48 19.68
N GLN D 37 -28.03 19.23 20.63
CA GLN D 37 -28.70 20.32 21.31
C GLN D 37 -27.76 21.16 22.17
N ILE D 38 -26.82 20.51 22.88
CA ILE D 38 -25.86 21.23 23.72
C ILE D 38 -24.84 22.03 22.89
N THR D 39 -24.50 21.55 21.69
CA THR D 39 -23.49 22.22 20.88
C THR D 39 -24.03 23.17 19.85
N ASN D 40 -25.36 23.26 19.70
CA ASN D 40 -25.95 24.15 18.70
C ASN D 40 -25.59 25.62 18.92
N ASN D 41 -25.30 26.01 20.17
CA ASN D 41 -24.84 27.36 20.48
C ASN D 41 -23.37 27.57 20.15
N ILE D 42 -22.60 26.51 19.93
CA ILE D 42 -21.19 26.67 19.63
C ILE D 42 -21.03 27.22 18.21
N ASP D 43 -20.09 28.16 18.08
CA ASP D 43 -19.72 28.67 16.75
C ASP D 43 -19.19 27.52 15.91
N PRO D 44 -19.68 27.35 14.67
CA PRO D 44 -19.19 26.27 13.83
C PRO D 44 -17.72 26.44 13.52
N VAL D 45 -17.01 25.32 13.46
CA VAL D 45 -15.67 25.30 12.88
C VAL D 45 -15.74 25.66 11.39
N GLY D 46 -14.78 26.47 10.93
CA GLY D 46 -14.72 26.85 9.53
C GLY D 46 -14.39 25.68 8.63
N ARG D 47 -14.32 25.99 7.32
CA ARG D 47 -13.86 25.03 6.34
C ARG D 47 -12.41 24.61 6.57
N ILE D 48 -12.19 23.44 7.16
CA ILE D 48 -10.87 22.85 7.34
C ILE D 48 -10.30 22.45 6.00
N GLN D 49 -9.16 23.05 5.64
CA GLN D 49 -8.40 22.69 4.45
C GLN D 49 -7.02 22.21 4.86
N MET D 50 -6.67 20.99 4.47
CA MET D 50 -5.35 20.41 4.72
C MET D 50 -4.69 20.10 3.38
N ARG D 51 -3.35 20.23 3.33
CA ARG D 51 -2.69 20.58 2.06
C ARG D 51 -1.57 19.63 1.67
N THR D 52 -1.64 18.37 2.08
CA THR D 52 -0.66 17.33 1.68
C THR D 52 0.78 17.81 1.74
N ARG D 53 1.19 18.21 2.93
CA ARG D 53 2.54 18.74 3.10
C ARG D 53 3.62 17.70 2.74
N ARG D 54 3.31 16.42 2.88
CA ARG D 54 4.20 15.36 2.45
C ARG D 54 3.41 14.23 1.81
N THR D 55 3.98 13.62 0.78
CA THR D 55 3.62 12.29 0.33
C THR D 55 4.80 11.36 0.54
N LEU D 56 4.58 10.28 1.27
CA LEU D 56 5.58 9.27 1.63
C LEU D 56 5.44 8.10 0.68
N ARG D 57 6.51 7.80 -0.03
CA ARG D 57 6.54 6.82 -1.11
C ARG D 57 7.68 5.83 -0.92
N GLY D 58 7.40 4.56 -1.23
CA GLY D 58 8.34 3.44 -1.08
C GLY D 58 7.68 2.10 -0.80
N HIS D 59 6.46 2.11 -0.27
CA HIS D 59 5.66 0.89 -0.13
C HIS D 59 5.29 0.33 -1.51
N LEU D 60 5.46 -0.97 -1.67
CA LEU D 60 5.23 -1.63 -2.94
C LEU D 60 3.78 -2.06 -3.14
N ALA D 61 2.94 -1.96 -2.10
CA ALA D 61 1.58 -2.47 -2.15
C ALA D 61 0.69 -1.65 -1.21
N LYS D 62 -0.59 -2.03 -1.15
CA LYS D 62 -1.53 -1.46 -0.18
C LYS D 62 -0.91 -1.37 1.21
N ILE D 63 -1.29 -0.30 1.94
CA ILE D 63 -1.02 -0.15 3.36
C ILE D 63 -2.28 -0.50 4.13
N TYR D 64 -2.20 -1.40 5.10
CA TYR D 64 -3.28 -1.50 6.09
C TYR D 64 -3.20 -0.44 7.20
N ALA D 65 -2.04 -0.30 7.81
CA ALA D 65 -1.98 0.37 9.11
C ALA D 65 -0.82 1.38 9.18
N MET D 66 -1.01 2.36 10.06
CA MET D 66 0.04 3.26 10.52
C MET D 66 -0.07 3.51 12.01
N HIS D 67 1.01 4.03 12.58
CA HIS D 67 0.99 4.58 13.92
C HIS D 67 2.09 5.60 14.07
N TRP D 68 1.73 6.81 14.50
CA TRP D 68 2.72 7.80 14.87
C TRP D 68 3.45 7.38 16.13
N GLY D 69 4.74 7.73 16.18
CA GLY D 69 5.43 7.82 17.43
C GLY D 69 4.93 8.95 18.31
N THR D 70 5.17 8.82 19.60
CA THR D 70 4.90 9.93 20.52
C THR D 70 5.71 11.16 20.16
N ASP D 71 6.90 10.98 19.59
CA ASP D 71 7.72 12.06 19.04
C ASP D 71 7.05 12.81 17.91
N SER D 72 5.95 12.27 17.36
CA SER D 72 5.17 12.90 16.28
C SER D 72 6.01 13.16 15.04
N ARG D 73 7.12 12.41 14.90
CA ARG D 73 8.00 12.61 13.78
C ARG D 73 8.29 11.31 13.03
N LEU D 74 8.61 10.24 13.77
CA LEU D 74 8.70 8.91 13.18
C LEU D 74 7.31 8.29 13.04
N LEU D 75 7.17 7.50 11.99
CA LEU D 75 5.90 6.90 11.62
C LEU D 75 6.17 5.53 11.02
N VAL D 76 5.61 4.48 11.62
CA VAL D 76 5.52 3.20 10.95
C VAL D 76 4.34 3.22 9.99
N SER D 77 4.48 2.54 8.85
CA SER D 77 3.34 2.04 8.08
C SER D 77 3.60 0.61 7.67
N ALA D 78 2.57 -0.21 7.73
CA ALA D 78 2.67 -1.62 7.37
C ALA D 78 1.98 -1.83 6.04
N SER D 79 2.69 -2.38 5.07
CA SER D 79 2.18 -2.67 3.75
C SER D 79 2.21 -4.17 3.48
N GLN D 80 1.18 -4.64 2.78
CA GLN D 80 1.04 -6.03 2.39
C GLN D 80 2.03 -6.45 1.31
N ASP D 81 2.88 -5.51 0.90
CA ASP D 81 4.18 -5.83 0.37
C ASP D 81 4.93 -6.82 1.27
N GLY D 82 4.76 -6.70 2.60
CA GLY D 82 5.58 -7.39 3.59
C GLY D 82 6.74 -6.56 4.07
N LYS D 83 6.52 -5.26 4.17
CA LYS D 83 7.51 -4.34 4.73
C LYS D 83 6.84 -3.47 5.78
N LEU D 84 7.50 -3.31 6.91
CA LEU D 84 7.34 -2.08 7.68
C LEU D 84 8.36 -1.06 7.18
N ILE D 85 7.91 0.18 7.03
CA ILE D 85 8.79 1.34 6.87
C ILE D 85 8.64 2.28 8.05
N ILE D 86 9.76 2.64 8.66
CA ILE D 86 9.81 3.72 9.62
C ILE D 86 10.16 5.00 8.86
N TRP D 87 9.28 6.00 8.93
CA TRP D 87 9.41 7.26 8.20
C TRP D 87 9.76 8.37 9.16
N ASP D 88 10.79 9.14 8.82
CA ASP D 88 10.96 10.48 9.34
C ASP D 88 10.04 11.43 8.58
N SER D 89 8.91 11.76 9.18
CA SER D 89 7.91 12.60 8.52
C SER D 89 8.43 14.00 8.19
N TYR D 90 9.29 14.56 9.03
CA TYR D 90 9.78 15.92 8.83
C TYR D 90 10.64 16.02 7.58
N THR D 91 11.28 14.92 7.17
CA THR D 91 12.17 14.86 6.03
C THR D 91 11.73 13.94 4.90
N THR D 92 10.65 13.18 5.09
CA THR D 92 10.23 12.07 4.23
C THR D 92 11.24 10.92 4.19
N ASN D 93 12.31 10.99 4.99
CA ASN D 93 13.35 9.95 4.97
C ASN D 93 12.78 8.62 5.47
N LYS D 94 13.20 7.53 4.84
CA LYS D 94 12.97 6.19 5.39
C LYS D 94 14.04 5.90 6.45
N VAL D 95 13.60 5.75 7.69
CA VAL D 95 14.49 5.38 8.79
C VAL D 95 14.80 3.88 8.79
N HIS D 96 13.80 3.05 8.52
CA HIS D 96 13.97 1.60 8.41
C HIS D 96 13.00 1.07 7.37
N ALA D 97 13.41 0.01 6.69
CA ALA D 97 12.50 -0.91 6.01
C ALA D 97 12.72 -2.32 6.54
N ILE D 98 11.67 -2.88 7.13
CA ILE D 98 11.73 -4.13 7.88
C ILE D 98 11.09 -5.22 7.04
N PRO D 99 11.82 -6.23 6.57
CA PRO D 99 11.17 -7.37 5.91
C PRO D 99 10.33 -8.17 6.89
N LEU D 100 9.14 -8.54 6.42
CA LEU D 100 8.19 -9.31 7.21
C LEU D 100 8.18 -10.77 6.75
N ARG D 101 8.05 -11.68 7.72
CA ARG D 101 7.91 -13.09 7.41
C ARG D 101 6.63 -13.38 6.65
N SER D 102 5.55 -12.72 7.03
CA SER D 102 4.32 -12.76 6.26
C SER D 102 4.08 -11.43 5.57
N SER D 103 3.79 -11.48 4.28
CA SER D 103 3.38 -10.28 3.55
C SER D 103 2.06 -9.71 4.06
N TRP D 104 1.16 -10.55 4.57
CA TRP D 104 -0.24 -10.20 4.74
C TRP D 104 -0.53 -9.48 6.06
N VAL D 105 0.32 -8.49 6.33
CA VAL D 105 0.22 -7.64 7.50
C VAL D 105 -1.02 -6.78 7.45
N MET D 106 -1.68 -6.62 8.60
CA MET D 106 -2.92 -5.86 8.71
C MET D 106 -2.93 -4.85 9.86
N THR D 107 -1.95 -4.92 10.76
CA THR D 107 -1.80 -3.94 11.81
C THR D 107 -0.32 -3.71 12.06
N CYS D 108 0.03 -2.50 12.49
CA CYS D 108 1.29 -2.28 13.18
C CYS D 108 1.12 -1.21 14.24
N ALA D 109 2.02 -1.22 15.22
CA ALA D 109 2.05 -0.23 16.31
C ALA D 109 3.49 0.18 16.54
N TYR D 110 3.70 1.46 16.78
CA TYR D 110 4.97 1.97 17.24
C TYR D 110 4.88 2.18 18.74
N ALA D 111 5.83 1.62 19.48
CA ALA D 111 5.82 1.75 20.94
C ALA D 111 5.94 3.20 21.38
N PRO D 112 5.32 3.58 22.51
CA PRO D 112 5.44 4.95 23.01
C PRO D 112 6.87 5.37 23.29
N SER D 113 7.79 4.41 23.55
CA SER D 113 9.22 4.70 23.70
C SER D 113 9.94 4.77 22.38
N GLY D 114 9.34 4.22 21.32
CA GLY D 114 10.02 3.99 20.08
C GLY D 114 11.10 2.93 20.11
N ASN D 115 11.15 2.13 21.16
CA ASN D 115 12.11 1.04 21.18
C ASN D 115 11.65 -0.11 20.29
N TYR D 116 10.34 -0.35 20.22
CA TYR D 116 9.80 -1.48 19.50
C TYR D 116 8.74 -1.04 18.48
N VAL D 117 8.60 -1.82 17.42
CA VAL D 117 7.46 -1.81 16.51
C VAL D 117 6.90 -3.23 16.45
N ALA D 118 5.58 -3.33 16.28
CA ALA D 118 4.87 -4.60 16.21
C ALA D 118 4.13 -4.65 14.90
N CYS D 119 3.94 -5.85 14.36
CA CYS D 119 3.02 -6.01 13.24
C CYS D 119 2.52 -7.44 13.19
N GLY D 120 1.42 -7.62 12.47
CA GLY D 120 0.90 -8.93 12.14
C GLY D 120 -0.28 -8.83 11.19
N GLY D 121 -0.86 -9.98 10.89
CA GLY D 121 -1.96 -10.00 9.94
C GLY D 121 -2.52 -11.37 9.75
N LEU D 122 -2.59 -11.86 8.51
CA LEU D 122 -3.27 -13.13 8.20
C LEU D 122 -2.52 -14.33 8.73
N ASP D 123 -1.22 -14.22 8.97
CA ASP D 123 -0.56 -15.13 9.89
C ASP D 123 -0.72 -14.63 11.32
N ASN D 124 -1.36 -15.43 12.18
CA ASN D 124 -1.95 -14.91 13.40
C ASN D 124 -0.92 -14.44 14.40
N ILE D 125 0.37 -14.58 14.08
CA ILE D 125 1.47 -14.07 14.90
C ILE D 125 1.40 -12.54 14.99
N CYS D 126 1.68 -12.01 16.18
CA CYS D 126 2.08 -10.61 16.36
C CYS D 126 3.60 -10.54 16.58
N SER D 127 4.34 -10.17 15.53
CA SER D 127 5.79 -10.01 15.54
C SER D 127 6.16 -8.69 16.19
N ILE D 128 7.05 -8.74 17.16
CA ILE D 128 7.59 -7.56 17.82
C ILE D 128 9.00 -7.34 17.29
N TYR D 129 9.23 -6.20 16.67
CA TYR D 129 10.51 -5.89 16.05
C TYR D 129 11.27 -4.88 16.92
N ASN D 130 12.52 -5.20 17.23
CA ASN D 130 13.34 -4.35 18.07
C ASN D 130 14.13 -3.36 17.23
N LEU D 131 13.70 -2.10 17.23
CA LEU D 131 14.38 -1.05 16.44
C LEU D 131 15.73 -0.65 17.05
N LYS D 132 15.77 -0.50 18.38
CA LYS D 132 16.98 -0.12 19.11
C LYS D 132 17.85 -1.34 19.38
N THR D 133 18.37 -1.92 18.32
CA THR D 133 19.18 -3.12 18.40
C THR D 133 20.64 -2.74 18.25
N ARG D 134 21.50 -3.26 19.14
CA ARG D 134 22.93 -2.94 19.10
C ARG D 134 23.62 -3.45 17.84
N GLU D 135 23.08 -4.53 17.26
CA GLU D 135 23.54 -4.96 15.95
C GLU D 135 23.07 -4.04 14.83
N GLY D 136 22.14 -3.12 15.10
CA GLY D 136 21.75 -2.10 14.16
C GLY D 136 20.73 -2.52 13.11
N ASN D 137 20.63 -3.81 12.80
CA ASN D 137 19.48 -4.30 12.06
C ASN D 137 18.27 -4.43 12.98
N VAL D 138 17.10 -4.09 12.45
CA VAL D 138 15.84 -4.41 13.13
C VAL D 138 15.63 -5.91 13.04
N ARG D 139 15.25 -6.53 14.17
CA ARG D 139 15.03 -7.97 14.22
C ARG D 139 13.75 -8.28 15.00
N VAL D 140 13.17 -9.43 14.74
CA VAL D 140 12.02 -9.90 15.52
C VAL D 140 12.50 -10.25 16.92
N SER D 141 11.90 -9.60 17.93
CA SER D 141 12.21 -9.90 19.31
C SER D 141 11.28 -10.96 19.89
N ARG D 142 10.03 -11.05 19.43
CA ARG D 142 9.10 -12.07 19.91
C ARG D 142 8.02 -12.28 18.86
N GLU D 143 7.73 -13.53 18.51
CA GLU D 143 6.53 -13.92 17.76
C GLU D 143 5.42 -14.35 18.71
N LEU D 144 4.47 -13.45 18.97
CA LEU D 144 3.33 -13.74 19.84
C LEU D 144 2.31 -14.59 19.08
N ALA D 145 2.30 -15.90 19.34
CA ALA D 145 1.74 -16.86 18.40
C ALA D 145 0.27 -17.21 18.64
N GLY D 146 -0.15 -17.30 19.90
CA GLY D 146 -1.33 -18.02 20.28
C GLY D 146 -2.73 -17.55 19.89
N HIS D 147 -2.83 -16.60 18.99
CA HIS D 147 -4.14 -16.24 18.38
C HIS D 147 -4.55 -17.23 17.30
N THR D 148 -5.86 -17.54 17.27
CA THR D 148 -6.45 -18.48 16.31
C THR D 148 -7.16 -17.76 15.18
N GLY D 149 -6.88 -16.48 14.97
CA GLY D 149 -7.34 -15.75 13.80
C GLY D 149 -6.63 -14.41 13.66
N TYR D 150 -6.79 -13.83 12.46
CA TYR D 150 -5.89 -12.81 11.96
C TYR D 150 -5.77 -11.63 12.92
N LEU D 151 -4.58 -11.03 12.99
CA LEU D 151 -4.28 -9.93 13.88
C LEU D 151 -4.70 -8.60 13.22
N SER D 152 -5.79 -7.99 13.71
CA SER D 152 -6.45 -6.86 13.09
C SER D 152 -5.96 -5.51 13.63
N CYS D 153 -5.61 -5.44 14.92
CA CYS D 153 -5.04 -4.25 15.52
C CYS D 153 -4.14 -4.62 16.68
N CYS D 154 -3.00 -3.92 16.81
CA CYS D 154 -2.16 -3.98 18.00
C CYS D 154 -1.78 -2.58 18.47
N ARG D 155 -1.64 -2.44 19.79
CA ARG D 155 -1.29 -1.19 20.46
C ARG D 155 -0.46 -1.49 21.70
N PHE D 156 0.71 -0.88 21.80
CA PHE D 156 1.56 -1.02 22.99
C PHE D 156 1.04 -0.21 24.17
N LEU D 157 1.00 -0.82 25.35
CA LEU D 157 0.81 -0.12 26.60
C LEU D 157 2.14 0.33 27.18
N ASP D 158 3.12 -0.57 27.11
CA ASP D 158 4.48 -0.37 27.59
C ASP D 158 5.39 -1.28 26.77
N ASP D 159 6.71 -1.09 26.87
CA ASP D 159 7.64 -1.92 26.09
C ASP D 159 7.52 -3.41 26.38
N ASN D 160 7.03 -3.78 27.57
CA ASN D 160 6.78 -5.16 27.92
C ASN D 160 5.32 -5.60 27.69
N GLN D 161 4.39 -4.68 27.42
CA GLN D 161 3.00 -5.09 27.31
C GLN D 161 2.36 -4.56 26.05
N ILE D 162 1.74 -5.47 25.30
CA ILE D 162 0.97 -5.15 24.11
C ILE D 162 -0.41 -5.77 24.20
N VAL D 163 -1.44 -5.01 23.86
CA VAL D 163 -2.78 -5.56 23.67
C VAL D 163 -2.99 -5.80 22.20
N THR D 164 -3.66 -6.90 21.88
CA THR D 164 -3.85 -7.36 20.51
C THR D 164 -5.33 -7.66 20.28
N SER D 165 -5.74 -7.50 19.03
CA SER D 165 -7.09 -7.90 18.61
C SER D 165 -6.97 -8.81 17.41
N SER D 166 -7.93 -9.71 17.26
CA SER D 166 -7.82 -10.81 16.32
C SER D 166 -9.14 -11.00 15.58
N GLY D 167 -9.06 -11.75 14.48
CA GLY D 167 -10.22 -12.34 13.84
C GLY D 167 -10.86 -13.42 14.66
N ASP D 168 -10.06 -14.15 15.45
CA ASP D 168 -10.60 -14.77 16.65
C ASP D 168 -11.28 -13.70 17.47
N THR D 169 -12.52 -13.96 17.85
CA THR D 169 -13.38 -12.90 18.39
C THR D 169 -12.99 -12.49 19.80
N THR D 170 -11.77 -11.95 19.94
CA THR D 170 -10.99 -12.00 21.17
C THR D 170 -10.07 -10.79 21.14
N CYS D 171 -9.70 -10.32 22.32
CA CYS D 171 -8.50 -9.53 22.50
C CYS D 171 -7.58 -10.22 23.48
N ALA D 172 -6.27 -9.94 23.38
CA ALA D 172 -5.29 -10.40 24.35
C ALA D 172 -4.26 -9.36 24.69
N LEU D 173 -3.91 -9.30 25.97
CA LEU D 173 -2.80 -8.53 26.48
C LEU D 173 -1.64 -9.51 26.64
N TRP D 174 -0.48 -9.14 26.15
CA TRP D 174 0.69 -10.00 26.16
C TRP D 174 1.78 -9.33 26.97
N ASP D 175 2.53 -10.12 27.72
CA ASP D 175 3.85 -9.74 28.21
C ASP D 175 4.92 -10.21 27.20
N ILE D 176 5.53 -9.25 26.49
CA ILE D 176 6.48 -9.54 25.42
C ILE D 176 7.71 -10.28 25.95
N GLU D 177 8.06 -10.08 27.22
CA GLU D 177 9.17 -10.85 27.80
C GLU D 177 8.89 -12.36 27.75
N THR D 178 7.63 -12.77 27.91
CA THR D 178 7.29 -14.18 27.97
C THR D 178 6.66 -14.70 26.68
N GLY D 179 5.99 -13.83 25.95
CA GLY D 179 5.24 -14.21 24.75
C GLY D 179 3.93 -14.90 25.03
N GLN D 180 3.30 -14.56 26.16
CA GLN D 180 2.13 -15.24 26.65
C GLN D 180 1.01 -14.26 26.93
N GLN D 181 -0.23 -14.75 26.84
CA GLN D 181 -1.39 -13.91 27.12
C GLN D 181 -1.54 -13.81 28.63
N THR D 182 -1.29 -12.62 29.17
CA THR D 182 -1.50 -12.34 30.58
C THR D 182 -2.98 -12.12 30.86
N THR D 183 -3.79 -11.85 29.83
CA THR D 183 -5.24 -11.74 29.95
C THR D 183 -5.82 -11.93 28.55
N THR D 184 -6.90 -12.69 28.46
CA THR D 184 -7.68 -12.81 27.23
C THR D 184 -9.07 -12.20 27.41
N PHE D 185 -9.50 -11.43 26.42
CA PHE D 185 -10.76 -10.69 26.44
C PHE D 185 -11.68 -11.32 25.41
N THR D 186 -12.78 -11.92 25.87
CA THR D 186 -13.45 -12.95 25.08
C THR D 186 -14.96 -12.71 24.94
N GLY D 187 -15.45 -11.50 25.25
CA GLY D 187 -16.87 -11.22 25.21
C GLY D 187 -17.46 -10.85 23.86
N HIS D 188 -16.60 -10.62 22.85
CA HIS D 188 -17.09 -10.30 21.52
C HIS D 188 -17.64 -11.54 20.80
N THR D 189 -18.38 -11.29 19.71
CA THR D 189 -18.90 -12.36 18.87
C THR D 189 -18.48 -12.28 17.41
N GLY D 190 -18.06 -11.13 16.90
CA GLY D 190 -17.50 -11.02 15.58
C GLY D 190 -16.00 -10.85 15.63
N ASP D 191 -15.39 -10.80 14.46
CA ASP D 191 -13.99 -10.45 14.35
C ASP D 191 -13.69 -9.10 14.98
N VAL D 192 -12.80 -9.07 15.96
CA VAL D 192 -12.34 -7.79 16.50
C VAL D 192 -11.49 -7.07 15.47
N MET D 193 -11.86 -5.84 15.17
CA MET D 193 -11.30 -5.12 14.01
C MET D 193 -10.40 -3.94 14.34
N SER D 194 -10.66 -3.24 15.45
CA SER D 194 -9.87 -2.07 15.82
C SER D 194 -9.83 -1.92 17.35
N LEU D 195 -8.78 -1.25 17.81
CA LEU D 195 -8.45 -1.22 19.23
C LEU D 195 -7.82 0.14 19.49
N SER D 196 -8.42 0.90 20.40
CA SER D 196 -7.85 2.14 20.91
C SER D 196 -7.61 2.04 22.40
N LEU D 197 -6.35 2.19 22.80
CA LEU D 197 -6.00 2.37 24.21
C LEU D 197 -6.48 3.72 24.73
N ALA D 198 -7.01 3.72 25.94
CA ALA D 198 -7.32 4.98 26.63
C ALA D 198 -6.05 5.79 26.89
N PRO D 199 -6.19 7.12 27.03
CA PRO D 199 -5.04 7.95 27.44
C PRO D 199 -4.33 7.49 28.71
N ASP D 200 -5.04 6.87 29.66
CA ASP D 200 -4.38 6.32 30.85
C ASP D 200 -3.80 4.92 30.62
N THR D 201 -4.09 4.32 29.49
CA THR D 201 -3.78 2.93 29.17
C THR D 201 -4.39 1.94 30.16
N ARG D 202 -5.32 2.36 31.00
CA ARG D 202 -5.99 1.44 31.94
C ARG D 202 -7.18 0.76 31.30
N LEU D 203 -7.91 1.46 30.44
CA LEU D 203 -9.02 0.92 29.68
C LEU D 203 -8.66 0.81 28.19
N PHE D 204 -9.38 -0.03 27.47
CA PHE D 204 -9.43 0.10 26.01
C PHE D 204 -10.82 -0.26 25.47
N VAL D 205 -11.15 0.29 24.32
CA VAL D 205 -12.36 -0.06 23.55
C VAL D 205 -11.95 -0.85 22.32
N SER D 206 -12.73 -1.88 21.97
CA SER D 206 -12.60 -2.59 20.71
C SER D 206 -13.93 -2.78 20.01
N GLY D 207 -13.93 -2.59 18.70
CA GLY D 207 -15.12 -2.78 17.86
C GLY D 207 -14.88 -4.02 17.05
N ALA D 208 -15.91 -4.84 16.83
CA ALA D 208 -15.66 -6.27 16.55
C ALA D 208 -16.71 -6.93 15.65
N CYS D 209 -17.06 -6.33 14.50
CA CYS D 209 -17.88 -7.00 13.48
C CYS D 209 -19.22 -7.50 14.00
N ASP D 210 -19.64 -7.04 15.18
CA ASP D 210 -20.94 -7.33 15.76
C ASP D 210 -21.74 -6.06 16.03
N ALA D 211 -21.34 -4.97 15.36
CA ALA D 211 -21.81 -3.62 15.61
C ALA D 211 -21.70 -3.20 17.09
N SER D 212 -20.89 -3.87 17.88
CA SER D 212 -20.75 -3.53 19.29
C SER D 212 -19.34 -3.04 19.52
N ALA D 213 -19.23 -2.01 20.33
CA ALA D 213 -17.99 -1.64 21.00
C ALA D 213 -18.04 -2.16 22.41
N LYS D 214 -16.88 -2.60 22.94
CA LYS D 214 -16.76 -3.02 24.33
C LYS D 214 -15.65 -2.25 25.00
N LEU D 215 -15.93 -1.68 26.18
CA LEU D 215 -14.90 -1.17 27.07
C LEU D 215 -14.32 -2.30 27.91
N TRP D 216 -13.01 -2.41 27.93
CA TRP D 216 -12.32 -3.45 28.68
C TRP D 216 -11.46 -2.76 29.73
N ASP D 217 -11.35 -3.41 30.89
CA ASP D 217 -10.35 -3.07 31.90
C ASP D 217 -9.13 -3.98 31.68
N VAL D 218 -8.00 -3.38 31.35
CA VAL D 218 -6.78 -4.12 31.05
C VAL D 218 -6.34 -4.99 32.23
N ARG D 219 -6.48 -4.46 33.45
CA ARG D 219 -6.08 -5.18 34.67
C ARG D 219 -7.13 -6.15 35.13
N GLU D 220 -8.42 -5.74 35.11
CA GLU D 220 -9.48 -6.61 35.58
C GLU D 220 -9.82 -7.69 34.56
N GLY D 221 -9.50 -7.49 33.28
CA GLY D 221 -9.72 -8.53 32.30
C GLY D 221 -11.16 -8.69 31.87
N MET D 222 -12.00 -7.69 32.15
CA MET D 222 -13.46 -7.80 32.05
C MET D 222 -13.99 -6.69 31.16
N CYS D 223 -15.09 -7.02 30.45
CA CYS D 223 -15.87 -6.02 29.72
C CYS D 223 -16.73 -5.20 30.68
N ARG D 224 -16.46 -3.89 30.73
CA ARG D 224 -17.24 -2.99 31.57
C ARG D 224 -18.45 -2.38 30.89
N GLN D 225 -18.35 -2.09 29.60
CA GLN D 225 -19.47 -1.56 28.83
C GLN D 225 -19.51 -2.18 27.45
N THR D 226 -20.71 -2.46 26.95
CA THR D 226 -20.94 -2.71 25.54
C THR D 226 -21.85 -1.64 24.94
N PHE D 227 -21.35 -0.96 23.91
CA PHE D 227 -22.03 0.11 23.19
C PHE D 227 -22.45 -0.42 21.82
N THR D 228 -23.71 -0.18 21.43
CA THR D 228 -24.31 -0.94 20.32
C THR D 228 -25.15 -0.07 19.40
N GLY D 229 -24.77 1.20 19.20
CA GLY D 229 -25.50 2.08 18.28
C GLY D 229 -25.27 1.78 16.82
N HIS D 230 -24.14 1.18 16.45
CA HIS D 230 -23.81 0.91 15.06
C HIS D 230 -24.72 -0.14 14.45
N GLU D 231 -24.93 -0.02 13.14
CA GLU D 231 -25.67 -1.01 12.36
C GLU D 231 -24.81 -2.13 11.81
N SER D 232 -23.51 -1.91 11.62
CA SER D 232 -22.67 -2.90 10.92
C SER D 232 -21.26 -2.91 11.49
N ASP D 233 -20.35 -3.65 10.85
CA ASP D 233 -19.02 -3.94 11.40
C ASP D 233 -18.27 -2.67 11.73
N ILE D 234 -17.91 -2.50 12.99
CA ILE D 234 -17.02 -1.42 13.41
C ILE D 234 -15.62 -1.75 12.91
N ASN D 235 -15.17 -1.04 11.88
CA ASN D 235 -13.83 -1.24 11.33
C ASN D 235 -12.80 -0.46 12.12
N ALA D 236 -13.21 0.60 12.80
CA ALA D 236 -12.31 1.61 13.34
C ALA D 236 -12.84 2.11 14.67
N ILE D 237 -11.92 2.34 15.61
CA ILE D 237 -12.27 2.84 16.92
C ILE D 237 -11.15 3.81 17.36
N CYS D 238 -11.52 4.88 18.05
CA CYS D 238 -10.57 5.86 18.55
C CYS D 238 -11.16 6.51 19.80
N PHE D 239 -10.45 6.44 20.91
CA PHE D 239 -10.78 7.26 22.07
C PHE D 239 -10.71 8.74 21.75
N PHE D 240 -11.71 9.46 22.28
CA PHE D 240 -11.63 10.91 22.42
C PHE D 240 -10.52 11.24 23.43
N PRO D 241 -9.78 12.34 23.24
CA PRO D 241 -8.55 12.57 24.04
C PRO D 241 -8.79 12.73 25.53
N ASN D 242 -10.03 13.07 25.95
CA ASN D 242 -10.37 13.07 27.36
C ASN D 242 -10.37 11.66 27.96
N GLY D 243 -10.47 10.64 27.11
CA GLY D 243 -10.60 9.27 27.58
C GLY D 243 -11.99 8.90 28.06
N ASN D 244 -12.91 9.85 28.11
CA ASN D 244 -14.25 9.58 28.61
C ASN D 244 -15.23 9.25 27.49
N ALA D 245 -14.88 9.53 26.23
CA ALA D 245 -15.65 9.16 25.05
C ALA D 245 -14.72 8.58 24.01
N PHE D 246 -15.31 7.89 23.03
CA PHE D 246 -14.59 7.32 21.89
C PHE D 246 -15.49 7.29 20.67
N ALA D 247 -14.88 7.40 19.49
CA ALA D 247 -15.55 7.37 18.20
C ALA D 247 -15.39 6.01 17.52
N THR D 248 -16.30 5.69 16.62
CA THR D 248 -16.45 4.36 16.05
C THR D 248 -16.95 4.49 14.62
N GLY D 249 -16.11 4.05 13.67
CA GLY D 249 -16.47 4.04 12.27
C GLY D 249 -16.95 2.65 11.88
N SER D 250 -18.06 2.61 11.14
CA SER D 250 -18.68 1.33 10.76
C SER D 250 -18.79 1.20 9.25
N ASP D 251 -18.93 -0.06 8.81
CA ASP D 251 -19.48 -0.38 7.49
C ASP D 251 -20.83 0.24 7.23
N ASP D 252 -21.57 0.62 8.26
CA ASP D 252 -22.85 1.28 8.02
C ASP D 252 -22.73 2.73 7.43
N ALA D 253 -21.53 3.14 7.03
CA ALA D 253 -21.18 4.46 6.53
C ALA D 253 -21.34 5.58 7.55
N THR D 254 -21.53 5.25 8.82
CA THR D 254 -21.67 6.26 9.86
C THR D 254 -20.48 6.19 10.82
N CYS D 255 -20.09 7.34 11.35
CA CYS D 255 -19.33 7.37 12.59
C CYS D 255 -20.25 7.66 13.75
N ARG D 256 -19.92 7.12 14.93
CA ARG D 256 -20.70 7.38 16.13
C ARG D 256 -19.77 7.67 17.28
N LEU D 257 -20.09 8.67 18.08
CA LEU D 257 -19.32 8.99 19.27
C LEU D 257 -20.05 8.45 20.50
N PHE D 258 -19.37 7.60 21.28
CA PHE D 258 -19.94 7.04 22.50
C PHE D 258 -19.24 7.63 23.73
N ASP D 259 -20.05 8.11 24.70
CA ASP D 259 -19.54 8.38 26.03
C ASP D 259 -19.49 7.08 26.84
N LEU D 260 -18.37 6.85 27.52
CA LEU D 260 -18.27 5.73 28.42
C LEU D 260 -19.35 5.81 29.50
N ARG D 261 -19.50 6.98 30.12
CA ARG D 261 -20.22 7.12 31.38
C ARG D 261 -21.73 7.17 31.16
N ALA D 262 -22.21 7.99 30.24
CA ALA D 262 -23.60 7.91 29.81
C ALA D 262 -23.94 6.63 29.05
N ASP D 263 -22.93 5.84 28.67
CA ASP D 263 -23.10 4.50 28.12
C ASP D 263 -23.93 4.54 26.83
N GLN D 264 -23.72 5.57 26.03
CA GLN D 264 -24.65 5.90 24.96
C GLN D 264 -23.91 6.57 23.81
N GLU D 265 -24.50 6.40 22.61
CA GLU D 265 -24.20 7.21 21.44
C GLU D 265 -24.59 8.66 21.66
N LEU D 266 -23.61 9.56 21.58
CA LEU D 266 -23.87 10.99 21.62
C LEU D 266 -24.34 11.55 20.27
N MET D 267 -23.60 11.25 19.20
CA MET D 267 -23.96 11.72 17.86
C MET D 267 -23.60 10.70 16.80
N THR D 268 -24.32 10.74 15.68
CA THR D 268 -24.01 10.02 14.46
C THR D 268 -23.39 10.95 13.46
N TYR D 269 -22.26 10.57 12.90
CA TYR D 269 -21.61 11.30 11.81
C TYR D 269 -21.87 10.59 10.49
N SER D 270 -22.87 11.04 9.73
CA SER D 270 -23.27 10.40 8.49
C SER D 270 -23.82 11.48 7.57
N HIS D 271 -23.74 11.25 6.26
CA HIS D 271 -24.38 12.12 5.27
C HIS D 271 -24.90 11.26 4.13
N ASP D 272 -26.04 11.64 3.55
CA ASP D 272 -26.68 10.85 2.47
C ASP D 272 -25.74 10.58 1.30
N ASN D 273 -24.80 11.50 1.01
CA ASN D 273 -23.87 11.32 -0.07
C ASN D 273 -22.80 10.27 0.25
N ILE D 274 -22.75 9.79 1.49
CA ILE D 274 -21.74 8.86 1.98
C ILE D 274 -22.42 7.51 2.21
N ILE D 275 -22.05 6.50 1.42
CA ILE D 275 -22.77 5.22 1.37
C ILE D 275 -21.80 4.05 1.53
N CYS D 276 -20.61 4.31 2.05
CA CYS D 276 -19.54 3.32 2.14
C CYS D 276 -18.89 3.32 3.51
N GLY D 277 -18.25 2.19 3.83
CA GLY D 277 -17.76 1.99 5.19
C GLY D 277 -16.66 2.99 5.56
N ILE D 278 -16.64 3.35 6.84
CA ILE D 278 -15.53 4.09 7.44
C ILE D 278 -14.38 3.14 7.74
N THR D 279 -13.21 3.44 7.19
CA THR D 279 -12.07 2.55 7.20
C THR D 279 -11.19 2.73 8.43
N SER D 280 -11.13 3.94 9.00
CA SER D 280 -10.15 4.36 9.98
C SER D 280 -10.64 5.67 10.59
N VAL D 281 -10.43 5.86 11.88
CA VAL D 281 -10.89 7.02 12.63
C VAL D 281 -9.80 7.53 13.55
N SER D 282 -9.66 8.84 13.63
CA SER D 282 -8.80 9.47 14.65
C SER D 282 -9.40 10.81 15.06
N PHE D 283 -9.27 11.16 16.35
CA PHE D 283 -9.54 12.52 16.79
C PHE D 283 -8.30 13.40 16.65
N SER D 284 -8.51 14.71 16.56
CA SER D 284 -7.46 15.69 16.79
C SER D 284 -7.19 15.81 18.29
N LYS D 285 -6.10 16.54 18.63
CA LYS D 285 -5.65 16.69 20.02
C LYS D 285 -6.69 17.35 20.92
N SER D 286 -7.51 18.26 20.40
CA SER D 286 -8.58 18.85 21.20
C SER D 286 -9.83 17.98 21.25
N GLY D 287 -9.96 17.02 20.36
CA GLY D 287 -11.21 16.33 20.16
C GLY D 287 -12.23 17.07 19.31
N ARG D 288 -12.00 18.35 19.00
CA ARG D 288 -12.97 19.14 18.24
C ARG D 288 -13.05 18.67 16.80
N LEU D 289 -11.97 18.14 16.24
CA LEU D 289 -11.96 17.55 14.91
C LEU D 289 -11.97 16.03 15.03
N LEU D 290 -12.94 15.40 14.36
CA LEU D 290 -13.00 13.96 14.23
C LEU D 290 -12.77 13.59 12.76
N LEU D 291 -11.63 12.95 12.51
CA LEU D 291 -11.26 12.57 11.16
C LEU D 291 -11.66 11.11 10.94
N ALA D 292 -12.28 10.86 9.79
CA ALA D 292 -12.74 9.52 9.42
C ALA D 292 -12.35 9.24 7.97
N GLY D 293 -11.64 8.13 7.76
CA GLY D 293 -11.29 7.67 6.44
C GLY D 293 -12.39 6.78 5.87
N TYR D 294 -12.61 6.89 4.57
CA TYR D 294 -13.70 6.16 3.95
C TYR D 294 -13.18 5.28 2.81
N ASP D 295 -14.00 4.26 2.48
CA ASP D 295 -13.78 3.40 1.33
C ASP D 295 -13.78 4.18 0.01
N ASP D 296 -14.59 5.22 -0.13
CA ASP D 296 -14.60 6.07 -1.33
C ASP D 296 -13.45 7.06 -1.42
N PHE D 297 -12.25 6.57 -1.19
CA PHE D 297 -10.97 7.19 -1.54
C PHE D 297 -10.65 8.50 -0.82
N ASN D 298 -11.49 8.98 0.09
CA ASN D 298 -11.18 10.22 0.77
C ASN D 298 -11.53 10.17 2.25
N CYS D 299 -10.96 11.12 3.01
CA CYS D 299 -11.17 11.24 4.43
C CYS D 299 -11.98 12.51 4.72
N ASN D 300 -13.10 12.39 5.43
CA ASN D 300 -13.86 13.54 5.88
C ASN D 300 -13.45 13.96 7.28
N VAL D 301 -13.51 15.26 7.53
CA VAL D 301 -13.35 15.83 8.88
C VAL D 301 -14.71 16.22 9.41
N TRP D 302 -15.08 15.71 10.57
CA TRP D 302 -16.33 15.98 11.26
C TRP D 302 -16.06 16.86 12.46
N ASP D 303 -16.90 17.87 12.64
CA ASP D 303 -17.06 18.51 13.94
C ASP D 303 -17.65 17.49 14.91
N ALA D 304 -16.84 17.02 15.88
CA ALA D 304 -17.32 15.99 16.77
C ALA D 304 -18.46 16.49 17.63
N LEU D 305 -18.53 17.78 17.88
CA LEU D 305 -19.58 18.34 18.69
C LEU D 305 -20.83 18.67 17.87
N LYS D 306 -20.68 19.19 16.65
CA LYS D 306 -21.82 19.60 15.83
C LYS D 306 -22.16 18.61 14.72
N ALA D 307 -21.36 17.57 14.53
CA ALA D 307 -21.57 16.56 13.49
C ALA D 307 -21.63 17.15 12.07
N ASP D 308 -20.95 18.26 11.81
CA ASP D 308 -20.88 18.86 10.48
C ASP D 308 -19.58 18.44 9.81
N ARG D 309 -19.64 18.18 8.50
CA ARG D 309 -18.41 18.02 7.72
C ARG D 309 -17.65 19.34 7.61
N ALA D 310 -16.63 19.46 8.43
CA ALA D 310 -15.74 20.61 8.40
C ALA D 310 -14.82 20.59 7.19
N GLY D 311 -14.64 19.42 6.56
CA GLY D 311 -13.77 19.34 5.41
C GLY D 311 -13.62 17.92 4.92
N VAL D 312 -12.81 17.81 3.85
CA VAL D 312 -12.50 16.52 3.23
C VAL D 312 -11.02 16.50 2.83
N LEU D 313 -10.36 15.38 3.10
CA LEU D 313 -8.99 15.12 2.65
C LEU D 313 -9.05 14.27 1.39
N ALA D 314 -9.38 14.91 0.27
CA ALA D 314 -9.51 14.25 -1.02
C ALA D 314 -8.20 14.32 -1.82
N GLY D 315 -7.28 13.38 -1.52
CA GLY D 315 -6.00 13.34 -2.21
C GLY D 315 -5.50 11.95 -2.54
N HIS D 316 -6.17 10.92 -2.06
CA HIS D 316 -5.78 9.52 -2.30
C HIS D 316 -6.51 8.95 -3.53
N ASP D 317 -5.93 7.90 -4.12
CA ASP D 317 -6.46 7.30 -5.34
C ASP D 317 -7.17 5.97 -5.12
N ASN D 318 -6.86 5.29 -4.02
CA ASN D 318 -7.46 4.01 -3.70
C ASN D 318 -8.02 4.07 -2.29
N ARG D 319 -8.68 3.00 -1.87
CA ARG D 319 -9.25 2.95 -0.53
C ARG D 319 -8.30 3.49 0.54
N VAL D 320 -8.78 4.46 1.33
CA VAL D 320 -8.08 4.81 2.54
C VAL D 320 -8.17 3.64 3.51
N SER D 321 -7.11 3.45 4.30
CA SER D 321 -7.00 2.28 5.16
C SER D 321 -6.63 2.57 6.61
N CYS D 322 -5.86 3.65 6.87
CA CYS D 322 -5.40 3.99 8.20
C CYS D 322 -5.26 5.51 8.31
N LEU D 323 -5.34 6.01 9.56
CA LEU D 323 -5.55 7.44 9.79
C LEU D 323 -5.08 7.77 11.21
N GLY D 324 -3.84 8.22 11.31
CA GLY D 324 -3.22 8.59 12.59
C GLY D 324 -3.03 10.09 12.68
N VAL D 325 -3.46 10.66 13.80
CA VAL D 325 -3.13 12.02 14.19
C VAL D 325 -1.91 11.98 15.11
N THR D 326 -0.92 12.82 14.83
CA THR D 326 0.21 13.02 15.74
C THR D 326 -0.24 13.33 17.15
N ASP D 327 0.53 12.85 18.14
CA ASP D 327 0.28 13.23 19.52
C ASP D 327 0.48 14.73 19.73
N ASP D 328 1.35 15.37 18.95
CA ASP D 328 1.49 16.83 18.92
C ASP D 328 0.33 17.51 18.18
N GLY D 329 -0.52 16.76 17.47
CA GLY D 329 -1.57 17.35 16.69
C GLY D 329 -1.14 18.11 15.44
N MET D 330 0.17 18.16 15.15
CA MET D 330 0.70 18.95 14.07
C MET D 330 0.27 18.46 12.69
N ALA D 331 -0.10 17.19 12.57
CA ALA D 331 -0.56 16.69 11.31
C ALA D 331 -1.43 15.47 11.52
N VAL D 332 -2.21 15.16 10.49
CA VAL D 332 -2.83 13.86 10.32
C VAL D 332 -2.15 13.18 9.15
N ALA D 333 -1.71 11.95 9.36
CA ALA D 333 -1.25 11.07 8.31
C ALA D 333 -2.37 10.19 7.81
N THR D 334 -2.40 9.98 6.49
CA THR D 334 -3.42 9.18 5.79
C THR D 334 -2.71 8.17 4.92
N GLY D 335 -3.11 6.91 5.05
CA GLY D 335 -2.60 5.82 4.24
C GLY D 335 -3.71 5.26 3.40
N SER D 336 -3.33 4.73 2.24
CA SER D 336 -4.30 4.19 1.30
C SER D 336 -3.80 2.90 0.68
N TRP D 337 -4.71 2.21 0.01
CA TRP D 337 -4.38 1.05 -0.79
C TRP D 337 -3.58 1.40 -2.06
N ASP D 338 -3.41 2.67 -2.36
CA ASP D 338 -2.54 3.14 -3.47
C ASP D 338 -1.07 3.12 -3.14
N SER D 339 -0.67 2.54 -2.00
CA SER D 339 0.71 2.50 -1.48
C SER D 339 1.25 3.86 -1.03
N PHE D 340 0.54 4.95 -1.27
CA PHE D 340 1.04 6.26 -0.84
C PHE D 340 0.61 6.57 0.60
N LEU D 341 1.39 7.42 1.24
CA LEU D 341 1.24 7.72 2.66
C LEU D 341 1.34 9.24 2.81
N LYS D 342 0.20 9.90 2.98
CA LYS D 342 0.08 11.35 2.88
C LYS D 342 -0.08 11.99 4.25
N ILE D 343 0.69 13.04 4.48
CA ILE D 343 0.70 13.80 5.74
C ILE D 343 0.05 15.15 5.50
N TRP D 344 -1.01 15.43 6.28
CA TRP D 344 -1.85 16.60 6.06
C TRP D 344 -1.73 17.51 7.29
N ASN D 345 -1.43 18.79 7.07
CA ASN D 345 -1.69 19.86 8.00
C ASN D 345 -2.55 20.90 7.24
N GLY D 346 -2.79 22.06 7.87
CA GLY D 346 -3.15 23.29 7.09
C GLY D 346 -2.36 24.53 7.44
N SER D 347 -2.88 25.69 7.03
CA SER D 347 -2.11 26.91 6.99
C SER D 347 -2.94 28.11 7.45
N SER D 348 -2.26 29.18 7.88
CA SER D 348 -2.91 30.40 8.34
C SER D 348 -2.03 31.59 8.06
N LEU E 167 -3.48 19.24 -57.53
CA LEU E 167 -4.11 19.92 -56.39
C LEU E 167 -3.04 20.29 -55.39
N GLU E 168 -3.32 21.34 -54.61
CA GLU E 168 -2.38 21.87 -53.63
C GLU E 168 -3.16 22.34 -52.41
N VAL E 169 -3.03 21.63 -51.31
CA VAL E 169 -3.75 21.96 -50.09
C VAL E 169 -3.18 23.21 -49.41
N SER E 170 -1.95 23.59 -49.75
CA SER E 170 -1.44 24.95 -49.58
C SER E 170 -1.57 25.45 -48.16
N ILE E 171 -1.18 24.62 -47.19
CA ILE E 171 -1.31 25.01 -45.79
C ILE E 171 -0.38 26.17 -45.52
N SER E 172 -0.96 27.32 -45.15
CA SER E 172 -0.20 28.50 -44.85
C SER E 172 0.51 28.39 -43.48
N ASP E 173 1.52 29.24 -43.34
CA ASP E 173 2.25 29.38 -42.08
C ASP E 173 1.35 29.60 -40.88
N GLY E 174 0.29 30.37 -41.02
CA GLY E 174 -0.58 30.64 -39.90
C GLY E 174 -1.24 29.40 -39.32
N LEU E 175 -1.77 28.54 -40.19
CA LEU E 175 -2.32 27.25 -39.77
C LEU E 175 -1.23 26.31 -39.27
N PHE E 176 -0.07 26.36 -39.92
CA PHE E 176 1.04 25.50 -39.54
C PHE E 176 1.48 25.81 -38.12
N LEU E 177 1.61 27.10 -37.82
CA LEU E 177 1.93 27.57 -36.47
C LEU E 177 0.82 27.23 -35.47
N SER E 178 -0.44 27.35 -35.86
CA SER E 178 -1.54 27.02 -34.95
C SER E 178 -1.56 25.53 -34.57
N LEU E 179 -1.44 24.65 -35.57
CA LEU E 179 -1.30 23.23 -35.32
C LEU E 179 -0.08 22.92 -34.46
N GLY E 180 1.04 23.58 -34.76
CA GLY E 180 2.25 23.36 -33.99
C GLY E 180 2.10 23.77 -32.53
N LEU E 181 1.42 24.87 -32.26
CA LEU E 181 1.22 25.34 -30.88
C LEU E 181 0.19 24.51 -30.12
N VAL E 182 -0.92 24.11 -30.77
CA VAL E 182 -1.87 23.25 -30.08
C VAL E 182 -1.24 21.90 -29.76
N SER E 183 -0.43 21.33 -30.68
CA SER E 183 0.30 20.11 -30.38
C SER E 183 1.39 20.33 -29.33
N LEU E 184 2.02 21.50 -29.30
CA LEU E 184 2.95 21.85 -28.23
C LEU E 184 2.27 21.81 -26.88
N VAL E 185 1.11 22.43 -26.75
CA VAL E 185 0.37 22.41 -25.50
C VAL E 185 -0.05 20.99 -25.11
N GLU E 186 -0.63 20.24 -26.05
CA GLU E 186 -1.05 18.86 -25.76
C GLU E 186 0.11 17.98 -25.24
N ASN E 187 1.25 18.05 -25.89
CA ASN E 187 2.39 17.25 -25.46
C ASN E 187 3.02 17.79 -24.18
N ALA E 188 3.09 19.11 -24.01
CA ALA E 188 3.57 19.67 -22.75
C ALA E 188 2.70 19.19 -21.59
N LEU E 189 1.37 19.14 -21.78
CA LEU E 189 0.46 18.60 -20.78
C LEU E 189 0.74 17.13 -20.49
N VAL E 190 0.86 16.29 -21.52
CA VAL E 190 1.14 14.86 -21.28
C VAL E 190 2.45 14.69 -20.52
N VAL E 191 3.49 15.42 -20.94
CA VAL E 191 4.80 15.32 -20.30
C VAL E 191 4.75 15.81 -18.86
N ALA E 192 4.12 16.95 -18.62
CA ALA E 192 4.05 17.50 -17.27
C ALA E 192 3.26 16.58 -16.35
N THR E 193 2.12 16.04 -16.82
CA THR E 193 1.33 15.11 -16.01
C THR E 193 2.15 13.87 -15.64
N ILE E 194 2.91 13.29 -16.58
CA ILE E 194 3.75 12.13 -16.22
C ILE E 194 4.92 12.52 -15.32
N ALA E 195 5.47 13.72 -15.47
CA ALA E 195 6.54 14.19 -14.60
C ALA E 195 6.09 14.44 -13.16
N LYS E 196 4.87 14.95 -12.99
CA LYS E 196 4.34 15.21 -11.66
C LYS E 196 3.86 13.96 -10.93
N ASN E 197 2.95 13.21 -11.53
CA ASN E 197 2.34 12.06 -10.90
C ASN E 197 3.32 10.88 -11.03
N ARG E 198 4.00 10.57 -9.92
CA ARG E 198 4.99 9.50 -9.84
C ARG E 198 4.40 8.10 -10.02
N ASN E 199 3.08 7.91 -9.94
CA ASN E 199 2.51 6.64 -10.38
C ASN E 199 2.78 6.37 -11.85
N LEU E 200 2.92 7.43 -12.63
CA LEU E 200 3.23 7.36 -14.06
C LEU E 200 4.71 7.20 -14.37
N HIS E 201 5.55 7.02 -13.33
CA HIS E 201 6.92 6.51 -13.53
C HIS E 201 6.93 5.00 -13.63
N SER E 202 6.20 4.47 -14.59
CA SER E 202 6.31 3.10 -15.03
C SER E 202 6.85 3.05 -16.46
N PRO E 203 7.42 1.93 -16.88
CA PRO E 203 8.01 1.86 -18.23
C PRO E 203 7.09 2.28 -19.36
N MET E 204 5.83 1.83 -19.34
CA MET E 204 4.93 2.13 -20.45
C MET E 204 4.58 3.61 -20.45
N TYR E 205 4.34 4.20 -19.27
CA TYR E 205 4.16 5.64 -19.18
C TYR E 205 5.47 6.39 -19.41
N CYS E 206 6.61 5.77 -19.12
CA CYS E 206 7.88 6.37 -19.52
C CYS E 206 7.98 6.53 -21.04
N PHE E 207 7.67 5.46 -21.78
CA PHE E 207 7.65 5.55 -23.23
C PHE E 207 6.57 6.49 -23.75
N ILE E 208 5.40 6.55 -23.08
CA ILE E 208 4.37 7.54 -23.44
C ILE E 208 4.87 8.96 -23.24
N CYS E 209 5.55 9.21 -22.13
CA CYS E 209 6.17 10.51 -21.89
C CYS E 209 7.24 10.85 -22.93
N CYS E 210 8.06 9.86 -23.28
CA CYS E 210 9.10 10.07 -24.27
C CYS E 210 8.55 10.28 -25.68
N LEU E 211 7.47 9.58 -26.03
CA LEU E 211 6.73 9.85 -27.25
C LEU E 211 6.20 11.28 -27.25
N ALA E 212 5.49 11.66 -26.18
CA ALA E 212 4.93 13.00 -26.10
C ALA E 212 6.02 14.06 -26.12
N LEU E 213 7.18 13.79 -25.55
CA LEU E 213 8.33 14.69 -25.63
C LEU E 213 8.89 14.78 -27.04
N SER E 214 8.96 13.66 -27.79
CA SER E 214 9.37 13.70 -29.19
C SER E 214 8.38 14.52 -30.03
N ASP E 215 7.09 14.37 -29.77
CA ASP E 215 6.08 15.17 -30.44
C ASP E 215 6.13 16.64 -30.04
N LEU E 216 6.41 16.93 -28.77
CA LEU E 216 6.72 18.29 -28.31
C LEU E 216 7.89 18.89 -29.05
N LEU E 217 8.97 18.16 -29.18
CA LEU E 217 10.12 18.69 -29.90
C LEU E 217 9.84 18.83 -31.39
N VAL E 218 9.07 17.92 -32.00
CA VAL E 218 8.64 18.10 -33.39
C VAL E 218 7.84 19.40 -33.52
N SER E 219 6.79 19.53 -32.72
CA SER E 219 5.89 20.67 -32.78
C SER E 219 6.64 21.97 -32.51
N GLY E 220 7.41 22.02 -31.45
CA GLY E 220 8.18 23.21 -31.12
C GLY E 220 9.22 23.57 -32.16
N SER E 221 9.91 22.56 -32.72
CA SER E 221 10.87 22.82 -33.78
C SER E 221 10.21 23.41 -35.02
N ASN E 222 9.07 22.83 -35.43
CA ASN E 222 8.36 23.35 -36.60
C ASN E 222 7.69 24.70 -36.34
N VAL E 223 7.19 24.92 -35.13
CA VAL E 223 6.77 26.25 -34.69
C VAL E 223 7.90 27.26 -34.81
N LEU E 224 9.06 26.96 -34.23
CA LEU E 224 10.19 27.86 -34.34
C LEU E 224 10.60 28.07 -35.78
N GLU E 225 10.50 27.03 -36.60
CA GLU E 225 10.84 27.16 -38.02
C GLU E 225 9.88 28.08 -38.78
N THR E 226 8.56 27.91 -38.60
CA THR E 226 7.63 28.84 -39.23
C THR E 226 7.75 30.25 -38.67
N ALA E 227 8.01 30.39 -37.36
CA ALA E 227 8.27 31.71 -36.76
C ALA E 227 9.48 32.40 -37.37
N VAL E 228 10.59 31.70 -37.50
CA VAL E 228 11.77 32.20 -38.16
C VAL E 228 11.48 32.59 -39.61
N ILE E 229 10.78 31.75 -40.36
CA ILE E 229 10.46 32.08 -41.74
C ILE E 229 9.54 33.29 -41.83
N LEU E 230 8.55 33.41 -40.92
CA LEU E 230 7.68 34.58 -40.86
C LEU E 230 8.43 35.87 -40.52
N LEU E 231 9.30 35.84 -39.51
CA LEU E 231 10.08 37.03 -39.15
C LEU E 231 11.07 37.40 -40.24
N LEU E 232 11.67 36.43 -40.93
CA LEU E 232 12.48 36.74 -42.11
C LEU E 232 11.65 37.35 -43.23
N GLU E 233 10.47 36.77 -43.50
CA GLU E 233 9.59 37.27 -44.56
C GLU E 233 8.99 38.63 -44.21
N ALA E 234 8.82 38.91 -42.91
CA ALA E 234 8.42 40.25 -42.46
C ALA E 234 9.53 41.28 -42.60
N GLY E 235 10.77 40.87 -42.90
CA GLY E 235 11.88 41.79 -42.92
C GLY E 235 12.42 42.19 -41.58
N ALA E 236 12.06 41.46 -40.52
CA ALA E 236 12.56 41.71 -39.16
C ALA E 236 13.90 41.04 -38.90
N LEU E 237 14.32 40.10 -39.74
CA LEU E 237 15.54 39.32 -39.55
C LEU E 237 16.41 39.41 -40.80
N VAL E 238 17.71 39.56 -40.58
CA VAL E 238 18.66 40.00 -41.61
C VAL E 238 19.90 39.12 -41.62
N ALA E 239 19.83 37.92 -41.05
CA ALA E 239 20.89 36.95 -41.29
C ALA E 239 20.93 36.55 -42.76
N ARG E 240 22.07 36.00 -43.18
CA ARG E 240 22.23 35.51 -44.55
C ARG E 240 23.30 34.42 -44.61
N ALA E 241 23.32 33.73 -45.75
CA ALA E 241 24.39 32.78 -46.12
C ALA E 241 24.66 31.79 -44.97
N ALA E 242 25.92 31.58 -44.58
CA ALA E 242 26.31 30.56 -43.59
C ALA E 242 25.57 30.71 -42.26
N VAL E 243 25.47 31.92 -41.71
CA VAL E 243 24.83 32.00 -40.39
C VAL E 243 23.34 31.71 -40.40
N LEU E 244 22.67 31.92 -41.52
CA LEU E 244 21.30 31.45 -41.63
C LEU E 244 21.19 29.95 -41.99
N GLN E 245 22.03 29.46 -42.88
CA GLN E 245 22.05 28.04 -43.21
C GLN E 245 22.33 27.18 -41.98
N GLN E 246 23.22 27.60 -41.09
CA GLN E 246 23.47 26.87 -39.86
C GLN E 246 22.24 26.85 -38.96
N LEU E 247 21.48 27.95 -38.91
CA LEU E 247 20.21 27.94 -38.18
C LEU E 247 19.20 26.97 -38.76
N ASP E 248 19.01 27.05 -40.08
CA ASP E 248 18.12 26.09 -40.76
C ASP E 248 18.61 24.65 -40.54
N ASN E 249 19.92 24.42 -40.59
CA ASN E 249 20.45 23.08 -40.41
C ASN E 249 20.22 22.56 -38.99
N VAL E 250 20.46 23.39 -37.97
CA VAL E 250 20.30 22.91 -36.61
C VAL E 250 18.81 22.70 -36.27
N ILE E 251 17.93 23.62 -36.70
CA ILE E 251 16.51 23.42 -36.48
C ILE E 251 15.96 22.21 -37.23
N ASP E 252 16.48 21.95 -38.42
CA ASP E 252 16.10 20.73 -39.15
C ASP E 252 16.66 19.45 -38.53
N VAL E 253 17.84 19.49 -37.92
CA VAL E 253 18.30 18.38 -37.06
C VAL E 253 17.36 18.20 -35.87
N ILE E 254 16.89 19.28 -35.27
CA ILE E 254 15.96 19.16 -34.15
C ILE E 254 14.66 18.47 -34.59
N THR E 255 14.08 18.97 -35.70
CA THR E 255 12.89 18.33 -36.26
C THR E 255 13.13 16.87 -36.64
N CYS E 256 14.16 16.58 -37.40
CA CYS E 256 14.42 15.20 -37.85
C CYS E 256 14.69 14.26 -36.70
N SER E 257 15.44 14.70 -35.69
CA SER E 257 15.68 13.89 -34.52
C SER E 257 14.39 13.63 -33.74
N SER E 258 13.56 14.64 -33.55
CA SER E 258 12.32 14.44 -32.79
C SER E 258 11.30 13.61 -33.58
N MET E 259 11.32 13.69 -34.92
CA MET E 259 10.61 12.76 -35.78
C MET E 259 11.07 11.31 -35.57
N LEU E 260 12.37 11.06 -35.76
CA LEU E 260 12.91 9.71 -35.61
C LEU E 260 12.64 9.16 -34.21
N SER E 261 12.76 10.01 -33.19
CA SER E 261 12.43 9.62 -31.83
C SER E 261 10.96 9.29 -31.66
N SER E 262 10.07 10.10 -32.24
CA SER E 262 8.64 9.82 -32.14
C SER E 262 8.29 8.50 -32.78
N LEU E 263 8.78 8.24 -33.98
CA LEU E 263 8.65 6.92 -34.60
C LEU E 263 9.20 5.80 -33.76
N CYS E 264 10.41 5.95 -33.23
CA CYS E 264 10.98 4.94 -32.34
C CYS E 264 10.18 4.71 -31.06
N PHE E 265 9.60 5.76 -30.47
CA PHE E 265 8.79 5.58 -29.27
C PHE E 265 7.41 5.02 -29.55
N LEU E 266 6.86 5.23 -30.75
CA LEU E 266 5.70 4.46 -31.19
C LEU E 266 6.05 2.98 -31.33
N GLY E 267 7.20 2.66 -31.91
CA GLY E 267 7.72 1.30 -31.91
C GLY E 267 7.90 0.73 -30.51
N ALA E 268 8.50 1.52 -29.61
CA ALA E 268 8.73 1.10 -28.24
C ALA E 268 7.44 0.85 -27.45
N ILE E 269 6.43 1.71 -27.60
CA ILE E 269 5.11 1.44 -27.04
C ILE E 269 4.52 0.16 -27.61
N ALA E 270 4.64 -0.03 -28.92
CA ALA E 270 4.20 -1.29 -29.51
C ALA E 270 4.94 -2.50 -28.94
N VAL E 271 6.25 -2.39 -28.74
CA VAL E 271 7.04 -3.51 -28.19
C VAL E 271 6.72 -3.75 -26.73
N ASP E 272 6.57 -2.68 -25.94
CA ASP E 272 6.12 -2.79 -24.55
C ASP E 272 4.78 -3.50 -24.47
N ARG E 273 3.78 -3.03 -25.20
CA ARG E 273 2.46 -3.68 -25.26
C ARG E 273 2.57 -5.14 -25.71
N TYR E 274 3.39 -5.43 -26.72
CA TYR E 274 3.57 -6.78 -27.20
C TYR E 274 4.16 -7.70 -26.12
N ILE E 275 5.26 -7.28 -25.47
CA ILE E 275 5.81 -8.07 -24.38
C ILE E 275 4.80 -8.23 -23.24
N SER E 276 4.02 -7.18 -22.98
CA SER E 276 2.98 -7.21 -21.96
C SER E 276 1.84 -8.17 -22.27
N ILE E 277 1.62 -8.49 -23.54
CA ILE E 277 0.66 -9.54 -23.85
C ILE E 277 1.33 -10.90 -23.87
N PHE E 278 2.31 -11.11 -24.75
CA PHE E 278 2.78 -12.43 -25.03
C PHE E 278 3.80 -12.95 -24.03
N TYR E 279 4.43 -12.05 -23.26
CA TYR E 279 5.27 -12.46 -22.15
C TYR E 279 4.74 -11.89 -20.85
N ALA E 280 3.41 -11.82 -20.76
CA ALA E 280 2.68 -11.15 -19.70
C ALA E 280 3.21 -11.49 -18.32
N LEU E 281 3.41 -12.79 -18.08
CA LEU E 281 3.89 -13.22 -16.77
C LEU E 281 5.32 -12.80 -16.51
N ARG E 282 6.15 -12.70 -17.54
CA ARG E 282 7.52 -12.25 -17.43
C ARG E 282 7.69 -10.76 -17.74
N TYR E 283 6.59 -10.02 -17.92
CA TYR E 283 6.65 -8.64 -18.40
C TYR E 283 7.50 -7.76 -17.51
N HIS E 284 7.26 -7.77 -16.20
CA HIS E 284 8.07 -6.99 -15.29
C HIS E 284 9.47 -7.56 -15.10
N SER E 285 9.74 -8.78 -15.56
CA SER E 285 11.10 -9.28 -15.64
C SER E 285 11.83 -8.85 -16.91
N ILE E 286 11.09 -8.47 -17.96
CA ILE E 286 11.69 -8.12 -19.23
C ILE E 286 11.78 -6.60 -19.44
N VAL E 287 10.68 -5.90 -19.25
CA VAL E 287 10.62 -4.45 -19.42
C VAL E 287 10.61 -3.79 -18.05
N THR E 288 11.68 -3.03 -17.77
CA THR E 288 11.98 -2.51 -16.44
C THR E 288 12.42 -1.05 -16.60
N LEU E 289 12.33 -0.29 -15.52
CA LEU E 289 12.79 1.10 -15.58
C LEU E 289 14.25 1.26 -15.96
N PRO E 290 15.20 0.45 -15.46
CA PRO E 290 16.54 0.49 -16.03
C PRO E 290 16.57 0.31 -17.55
N ARG E 291 15.92 -0.74 -18.05
CA ARG E 291 15.92 -1.04 -19.48
C ARG E 291 15.07 -0.05 -20.27
N ALA E 292 14.01 0.46 -19.67
CA ALA E 292 13.24 1.52 -20.26
C ALA E 292 14.09 2.78 -20.47
N ARG E 293 14.77 3.24 -19.42
CA ARG E 293 15.63 4.43 -19.52
C ARG E 293 16.79 4.20 -20.49
N ARG E 294 17.43 3.05 -20.45
CA ARG E 294 18.45 2.68 -21.44
C ARG E 294 17.94 2.72 -22.89
N ALA E 295 16.78 2.12 -23.17
CA ALA E 295 16.21 2.17 -24.51
C ALA E 295 15.86 3.59 -24.92
N VAL E 296 15.28 4.38 -24.01
CA VAL E 296 14.98 5.79 -24.28
C VAL E 296 16.24 6.57 -24.64
N ALA E 297 17.27 6.45 -23.80
CA ALA E 297 18.55 7.12 -24.10
C ALA E 297 19.14 6.66 -25.44
N ALA E 298 19.15 5.35 -25.67
CA ALA E 298 19.67 4.81 -26.92
C ALA E 298 18.90 5.36 -28.12
N ILE E 299 17.59 5.54 -27.96
CA ILE E 299 16.73 6.12 -29.01
C ILE E 299 17.09 7.57 -29.26
N TRP E 300 17.13 8.41 -28.25
CA TRP E 300 17.49 9.81 -28.44
C TRP E 300 18.90 9.98 -29.00
N VAL E 301 19.87 9.20 -28.50
CA VAL E 301 21.24 9.21 -29.02
C VAL E 301 21.27 8.83 -30.50
N ALA E 302 20.77 7.66 -30.85
CA ALA E 302 20.77 7.24 -32.24
C ALA E 302 20.01 8.22 -33.12
N SER E 303 18.90 8.75 -32.62
CA SER E 303 18.10 9.75 -33.36
C SER E 303 18.90 11.00 -33.65
N VAL E 304 19.62 11.54 -32.68
CA VAL E 304 20.47 12.70 -32.94
C VAL E 304 21.64 12.37 -33.86
N VAL E 305 22.30 11.23 -33.66
CA VAL E 305 23.38 10.78 -34.55
C VAL E 305 22.94 10.68 -36.01
N PHE E 306 21.86 9.91 -36.24
CA PHE E 306 21.33 9.76 -37.59
C PHE E 306 20.76 11.06 -38.16
N SER E 307 20.10 11.88 -37.33
CA SER E 307 19.58 13.14 -37.85
C SER E 307 20.69 14.11 -38.24
N THR E 308 21.75 14.21 -37.44
CA THR E 308 22.92 15.02 -37.83
C THR E 308 23.55 14.48 -39.12
N LEU E 309 23.67 13.16 -39.24
CA LEU E 309 24.12 12.56 -40.50
C LEU E 309 23.21 12.92 -41.67
N PHE E 310 21.90 12.72 -41.51
CA PHE E 310 20.94 12.94 -42.59
C PHE E 310 20.85 14.40 -43.02
N ILE E 311 20.81 15.32 -42.05
CA ILE E 311 20.65 16.74 -42.36
C ILE E 311 21.97 17.37 -42.75
N ALA E 312 23.10 16.73 -42.46
CA ALA E 312 24.36 17.12 -43.08
C ALA E 312 24.42 16.58 -44.50
N TYR E 313 24.24 15.26 -44.65
CA TYR E 313 24.27 14.58 -45.94
C TYR E 313 22.93 14.64 -46.67
N TYR E 314 22.13 15.68 -46.43
CA TYR E 314 20.73 15.72 -46.92
C TYR E 314 20.62 15.69 -48.44
N ASP E 315 21.70 16.03 -49.15
CA ASP E 315 21.76 15.96 -50.61
C ASP E 315 22.05 14.56 -51.12
N HIS E 316 22.17 13.56 -50.24
CA HIS E 316 22.55 12.21 -50.63
C HIS E 316 21.37 11.27 -50.63
N VAL E 317 21.23 10.49 -51.73
CA VAL E 317 20.10 9.57 -51.91
C VAL E 317 20.00 8.57 -50.77
N ALA E 318 21.14 8.08 -50.29
CA ALA E 318 21.14 7.06 -49.25
C ALA E 318 20.51 7.57 -47.97
N VAL E 319 20.55 8.87 -47.74
CA VAL E 319 19.89 9.44 -46.56
C VAL E 319 18.38 9.27 -46.67
N LEU E 320 17.80 9.74 -47.78
CA LEU E 320 16.37 9.63 -48.02
C LEU E 320 15.92 8.18 -47.99
N LEU E 321 16.67 7.30 -48.69
CA LEU E 321 16.34 5.87 -48.73
C LEU E 321 16.38 5.24 -47.36
N CYS E 322 17.43 5.48 -46.57
CA CYS E 322 17.52 4.91 -45.22
C CYS E 322 16.39 5.41 -44.35
N LEU E 323 16.06 6.70 -44.43
CA LEU E 323 14.95 7.25 -43.61
C LEU E 323 13.58 6.68 -44.03
N VAL E 324 13.34 6.47 -45.33
CA VAL E 324 12.15 5.76 -45.78
C VAL E 324 12.13 4.32 -45.30
N VAL E 325 13.23 3.60 -45.48
CA VAL E 325 13.30 2.20 -45.03
C VAL E 325 13.05 2.13 -43.52
N PHE E 326 13.53 3.12 -42.78
CA PHE E 326 13.24 3.20 -41.35
C PHE E 326 11.76 3.40 -41.08
N PHE E 327 11.10 4.29 -41.82
CA PHE E 327 9.64 4.40 -41.66
C PHE E 327 8.90 3.10 -41.99
N LEU E 328 9.27 2.47 -43.10
CA LEU E 328 8.67 1.18 -43.47
C LEU E 328 8.94 0.10 -42.43
N ALA E 329 10.12 0.10 -41.85
CA ALA E 329 10.42 -0.80 -40.73
C ALA E 329 9.56 -0.54 -39.50
N MET E 330 9.36 0.72 -39.14
CA MET E 330 8.46 1.00 -38.03
C MET E 330 7.03 0.63 -38.33
N LEU E 331 6.54 0.92 -39.54
CA LEU E 331 5.20 0.52 -39.95
C LEU E 331 5.04 -1.01 -39.94
N VAL E 332 6.02 -1.74 -40.45
CA VAL E 332 5.99 -3.21 -40.42
C VAL E 332 6.02 -3.74 -38.98
N LEU E 333 6.95 -3.24 -38.17
CA LEU E 333 7.03 -3.60 -36.75
C LEU E 333 5.69 -3.36 -36.06
N MET E 334 5.22 -2.12 -36.07
CA MET E 334 4.01 -1.74 -35.34
C MET E 334 2.78 -2.48 -35.83
N ALA E 335 2.65 -2.67 -37.13
CA ALA E 335 1.59 -3.52 -37.69
C ALA E 335 1.68 -4.94 -37.21
N VAL E 336 2.83 -5.58 -37.36
CA VAL E 336 2.98 -6.98 -36.91
C VAL E 336 2.61 -7.12 -35.44
N LEU E 337 3.17 -6.26 -34.60
CA LEU E 337 2.92 -6.28 -33.16
C LEU E 337 1.42 -6.11 -32.84
N TYR E 338 0.81 -5.00 -33.28
CA TYR E 338 -0.59 -4.79 -32.88
C TYR E 338 -1.57 -5.73 -33.59
N VAL E 339 -1.26 -6.23 -34.77
CA VAL E 339 -2.09 -7.26 -35.38
C VAL E 339 -2.01 -8.56 -34.59
N HIS E 340 -0.84 -8.95 -34.14
CA HIS E 340 -0.74 -10.15 -33.31
C HIS E 340 -1.42 -9.96 -31.96
N MET E 341 -1.32 -8.76 -31.38
CA MET E 341 -2.10 -8.44 -30.16
C MET E 341 -3.61 -8.52 -30.42
N LEU E 342 -4.08 -8.04 -31.56
CA LEU E 342 -5.49 -8.19 -31.92
C LEU E 342 -5.89 -9.64 -32.16
N ALA E 343 -4.99 -10.44 -32.72
CA ALA E 343 -5.22 -11.87 -32.88
C ALA E 343 -5.43 -12.56 -31.53
N ARG E 344 -4.57 -12.26 -30.55
CA ARG E 344 -4.75 -12.80 -29.22
C ARG E 344 -5.99 -12.23 -28.50
N ALA E 345 -6.32 -10.97 -28.74
CA ALA E 345 -7.58 -10.41 -28.24
C ALA E 345 -8.79 -11.14 -28.83
N CYS E 346 -8.77 -11.45 -30.12
CA CYS E 346 -9.86 -12.19 -30.74
C CYS E 346 -9.95 -13.65 -30.26
N GLN E 347 -8.81 -14.29 -30.02
CA GLN E 347 -8.80 -15.59 -29.35
C GLN E 347 -9.38 -15.52 -27.95
N HIS E 348 -9.06 -14.50 -27.18
CA HIS E 348 -9.67 -14.30 -25.89
C HIS E 348 -11.17 -13.95 -25.99
N ALA E 349 -11.57 -13.16 -26.97
CA ALA E 349 -12.98 -12.87 -27.19
C ALA E 349 -13.77 -14.12 -27.57
N GLN E 350 -13.18 -15.01 -28.37
CA GLN E 350 -13.78 -16.33 -28.62
C GLN E 350 -13.86 -17.19 -27.37
N GLY E 351 -12.80 -17.24 -26.57
CA GLY E 351 -12.89 -17.95 -25.27
C GLY E 351 -13.98 -17.38 -24.37
N ILE E 352 -14.06 -16.05 -24.27
CA ILE E 352 -15.11 -15.39 -23.53
C ILE E 352 -16.49 -15.77 -24.08
N ALA E 353 -16.67 -15.69 -25.40
CA ALA E 353 -17.96 -16.08 -25.96
C ALA E 353 -18.32 -17.52 -25.67
N ARG E 354 -17.36 -18.44 -25.82
CA ARG E 354 -17.61 -19.87 -25.52
C ARG E 354 -18.03 -20.09 -24.08
N LEU E 355 -17.39 -19.44 -23.11
CA LEU E 355 -17.83 -19.56 -21.71
C LEU E 355 -19.14 -18.85 -21.47
N HIS E 356 -19.29 -17.62 -22.00
CA HIS E 356 -20.46 -16.80 -21.78
C HIS E 356 -21.71 -17.41 -22.42
N LYS E 357 -21.58 -17.97 -23.62
CA LYS E 357 -22.68 -18.72 -24.23
C LYS E 357 -22.96 -20.01 -23.46
N LEU E 368 -14.07 -6.71 -32.36
CA LEU E 368 -14.30 -5.60 -33.26
C LEU E 368 -13.88 -4.28 -32.61
N LYS E 369 -14.07 -4.19 -31.29
CA LYS E 369 -13.54 -3.05 -30.54
C LYS E 369 -12.04 -2.91 -30.76
N GLY E 370 -11.34 -4.04 -30.77
CA GLY E 370 -9.91 -3.99 -31.01
C GLY E 370 -9.55 -3.79 -32.46
N ALA E 371 -10.40 -4.20 -33.39
CA ALA E 371 -10.24 -3.82 -34.78
C ALA E 371 -10.39 -2.32 -35.00
N VAL E 372 -11.38 -1.71 -34.33
CA VAL E 372 -11.51 -0.25 -34.33
C VAL E 372 -10.27 0.43 -33.77
N THR E 373 -9.78 -0.05 -32.62
CA THR E 373 -8.56 0.52 -32.03
C THR E 373 -7.34 0.35 -32.93
N LEU E 374 -7.15 -0.84 -33.52
CA LEU E 374 -6.09 -1.05 -34.50
C LEU E 374 -6.21 -0.11 -35.68
N THR E 375 -7.44 0.11 -36.15
CA THR E 375 -7.67 1.08 -37.22
C THR E 375 -7.33 2.49 -36.81
N ILE E 376 -7.63 2.92 -35.58
CA ILE E 376 -7.18 4.25 -35.15
C ILE E 376 -5.66 4.33 -35.07
N LEU E 377 -5.00 3.34 -34.45
CA LEU E 377 -3.55 3.39 -34.31
C LEU E 377 -2.82 3.35 -35.65
N LEU E 378 -2.99 2.25 -36.38
CA LEU E 378 -2.29 2.09 -37.65
C LEU E 378 -2.76 3.09 -38.70
N GLY E 379 -4.02 3.49 -38.68
CA GLY E 379 -4.53 4.45 -39.62
C GLY E 379 -3.93 5.81 -39.38
N ILE E 380 -4.04 6.38 -38.17
CA ILE E 380 -3.43 7.68 -37.94
C ILE E 380 -1.93 7.66 -38.15
N PHE E 381 -1.25 6.59 -37.72
CA PHE E 381 0.16 6.40 -38.02
C PHE E 381 0.44 6.51 -39.52
N PHE E 382 -0.17 5.68 -40.32
CA PHE E 382 0.11 5.67 -41.77
C PHE E 382 -0.35 6.94 -42.46
N LEU E 383 -1.53 7.45 -42.12
CA LEU E 383 -2.04 8.68 -42.73
C LEU E 383 -1.20 9.90 -42.37
N CYS E 384 -0.55 9.91 -41.19
CA CYS E 384 0.20 11.10 -40.79
C CYS E 384 1.68 11.05 -41.15
N TRP E 385 2.36 9.91 -40.87
CA TRP E 385 3.74 9.80 -41.33
C TRP E 385 3.86 9.54 -42.84
N GLY E 386 3.04 8.63 -43.39
CA GLY E 386 3.26 8.08 -44.71
C GLY E 386 3.36 9.09 -45.84
N PRO E 387 2.50 10.11 -45.89
CA PRO E 387 2.69 11.15 -46.93
C PRO E 387 4.06 11.83 -46.93
N PHE E 388 4.66 12.02 -45.77
CA PHE E 388 6.02 12.58 -45.73
C PHE E 388 7.04 11.61 -46.32
N PHE E 389 7.06 10.36 -45.85
CA PHE E 389 8.01 9.39 -46.35
C PHE E 389 7.71 8.99 -47.79
N LEU E 390 6.47 9.14 -48.23
CA LEU E 390 6.11 9.02 -49.64
C LEU E 390 6.78 10.11 -50.46
N HIS E 391 6.70 11.37 -50.00
CA HIS E 391 7.44 12.45 -50.65
C HIS E 391 8.92 12.15 -50.77
N LEU E 392 9.56 11.79 -49.65
CA LEU E 392 10.99 11.43 -49.62
C LEU E 392 11.34 10.26 -50.51
N THR E 393 10.47 9.25 -50.61
CA THR E 393 10.63 8.17 -51.59
C THR E 393 10.53 8.68 -53.02
N LEU E 394 9.49 9.47 -53.31
CA LEU E 394 9.25 10.00 -54.65
C LEU E 394 10.36 10.92 -55.13
N ILE E 395 11.07 11.56 -54.23
CA ILE E 395 12.27 12.30 -54.63
C ILE E 395 13.27 11.35 -55.27
N VAL E 396 13.55 10.22 -54.59
CA VAL E 396 14.43 9.20 -55.13
C VAL E 396 13.86 8.62 -56.42
N LEU E 397 12.54 8.59 -56.54
CA LEU E 397 11.87 8.10 -57.74
C LEU E 397 11.65 9.17 -58.80
N CYS E 398 11.79 10.46 -58.46
CA CYS E 398 11.36 11.54 -59.35
C CYS E 398 12.19 12.83 -59.15
N PRO E 399 13.50 12.81 -59.37
CA PRO E 399 14.24 14.09 -59.46
C PRO E 399 13.66 15.05 -60.46
N GLU E 400 12.97 14.54 -61.48
CA GLU E 400 12.01 15.33 -62.27
C GLU E 400 10.91 14.41 -62.80
N HIS E 401 9.65 14.70 -62.45
CA HIS E 401 8.49 14.05 -63.06
C HIS E 401 7.23 14.85 -62.75
N PRO E 402 6.33 15.04 -63.70
CA PRO E 402 5.21 15.96 -63.48
C PRO E 402 4.22 15.48 -62.41
N THR E 403 3.92 14.16 -62.36
CA THR E 403 2.95 13.67 -61.38
C THR E 403 3.52 13.64 -59.97
N CYS E 404 4.78 13.22 -59.81
CA CYS E 404 5.50 13.40 -58.56
C CYS E 404 5.54 14.86 -58.11
N GLY E 405 5.68 15.78 -59.07
CA GLY E 405 5.67 17.21 -58.75
C GLY E 405 4.43 17.64 -58.01
N CYS E 406 3.29 17.06 -58.35
CA CYS E 406 2.03 17.39 -57.66
C CYS E 406 2.13 17.03 -56.19
N ILE E 407 2.63 15.81 -55.87
CA ILE E 407 2.78 15.40 -54.48
C ILE E 407 3.80 16.27 -53.76
N PHE E 408 4.84 16.68 -54.47
CA PHE E 408 5.82 17.61 -53.92
C PHE E 408 5.20 18.94 -53.56
N LYS E 409 4.19 19.39 -54.30
CA LYS E 409 3.53 20.64 -53.94
C LYS E 409 2.86 20.57 -52.57
N ASN E 410 2.58 19.37 -52.07
CA ASN E 410 1.82 19.13 -50.84
C ASN E 410 2.67 18.95 -49.58
N PHE E 411 3.98 19.22 -49.64
CA PHE E 411 4.86 18.90 -48.52
C PHE E 411 4.43 19.61 -47.22
N ASN E 412 3.86 20.83 -47.33
CA ASN E 412 3.33 21.52 -46.16
C ASN E 412 2.13 20.80 -45.58
N LEU E 413 1.28 20.19 -46.41
CA LEU E 413 0.23 19.31 -45.88
C LEU E 413 0.84 18.14 -45.12
N PHE E 414 1.89 17.56 -45.67
CA PHE E 414 2.51 16.38 -45.05
C PHE E 414 3.16 16.70 -43.69
N LEU E 415 3.81 17.86 -43.60
CA LEU E 415 4.31 18.34 -42.31
C LEU E 415 3.19 18.72 -41.34
N ALA E 416 2.12 19.35 -41.85
CA ALA E 416 0.98 19.63 -40.96
C ALA E 416 0.33 18.33 -40.44
N LEU E 417 0.28 17.29 -41.28
CA LEU E 417 -0.19 15.97 -40.87
C LEU E 417 0.74 15.30 -39.85
N ILE E 418 2.06 15.48 -39.97
CA ILE E 418 2.95 15.05 -38.90
C ILE E 418 2.63 15.76 -37.59
N ILE E 419 2.43 17.07 -37.62
CA ILE E 419 1.98 17.73 -36.41
C ILE E 419 0.62 17.21 -35.95
N CYS E 420 -0.25 16.82 -36.87
CA CYS E 420 -1.52 16.23 -36.47
C CYS E 420 -1.35 14.92 -35.72
N ASN E 421 -0.40 14.07 -36.14
CA ASN E 421 -0.11 12.90 -35.30
C ASN E 421 0.47 13.30 -33.93
N ALA E 422 1.27 14.36 -33.91
CA ALA E 422 1.71 14.93 -32.63
C ALA E 422 0.56 15.43 -31.75
N ILE E 423 -0.57 15.81 -32.36
CA ILE E 423 -1.80 16.12 -31.64
C ILE E 423 -2.50 14.87 -31.15
N ILE E 424 -2.70 13.91 -32.03
CA ILE E 424 -3.61 12.82 -31.78
C ILE E 424 -2.97 11.73 -30.94
N ASP E 425 -1.65 11.54 -31.00
CA ASP E 425 -1.00 10.53 -30.19
C ASP E 425 -1.15 10.72 -28.68
N PRO E 426 -1.07 11.93 -28.12
CA PRO E 426 -1.57 12.11 -26.73
C PRO E 426 -2.93 11.51 -26.44
N LEU E 427 -3.90 11.64 -27.35
CA LEU E 427 -5.22 11.03 -27.18
C LEU E 427 -5.15 9.52 -27.35
N ILE E 428 -4.35 9.05 -28.32
CA ILE E 428 -4.22 7.62 -28.56
C ILE E 428 -3.57 6.90 -27.40
N TYR E 429 -2.62 7.51 -26.69
CA TYR E 429 -1.81 6.77 -25.72
C TYR E 429 -1.89 7.29 -24.29
N ALA E 430 -1.86 8.60 -24.06
CA ALA E 430 -1.82 9.14 -22.70
C ALA E 430 -3.22 9.24 -22.12
N PHE E 431 -4.07 10.09 -22.70
CA PHE E 431 -5.44 10.18 -22.20
C PHE E 431 -6.27 8.97 -22.57
N HIS E 432 -5.63 8.02 -23.26
CA HIS E 432 -6.08 6.64 -23.35
C HIS E 432 -6.18 5.95 -21.99
N SER E 433 -5.65 6.55 -20.94
CA SER E 433 -5.72 5.99 -19.60
C SER E 433 -6.37 7.00 -18.65
N GLN E 434 -7.26 6.48 -17.77
CA GLN E 434 -7.99 7.33 -16.83
C GLN E 434 -7.07 8.08 -15.90
N GLU E 435 -5.95 7.46 -15.52
CA GLU E 435 -4.98 8.10 -14.63
C GLU E 435 -4.42 9.39 -15.23
N LEU E 436 -4.13 9.41 -16.53
CA LEU E 436 -3.71 10.66 -17.18
C LEU E 436 -4.84 11.69 -17.18
N ARG E 437 -6.08 11.28 -17.43
CA ARG E 437 -7.19 12.21 -17.36
C ARG E 437 -7.34 12.84 -15.99
N ARG E 438 -7.30 12.02 -14.93
CA ARG E 438 -7.28 12.52 -13.57
C ARG E 438 -6.13 13.49 -13.36
N THR E 439 -4.93 13.11 -13.78
CA THR E 439 -3.75 13.94 -13.55
C THR E 439 -3.82 15.27 -14.30
N LEU E 440 -4.40 15.28 -15.50
CA LEU E 440 -4.62 16.54 -16.21
C LEU E 440 -5.69 17.38 -15.50
N LYS E 441 -6.74 16.71 -14.97
CA LYS E 441 -7.76 17.44 -14.22
C LYS E 441 -7.14 18.07 -12.97
N GLU E 442 -6.25 17.32 -12.30
CA GLU E 442 -5.59 17.82 -11.11
C GLU E 442 -4.68 19.02 -11.36
N VAL E 443 -4.46 19.39 -12.60
CA VAL E 443 -3.61 20.55 -12.88
C VAL E 443 -4.47 21.63 -13.53
N VAL F 39 28.74 -6.98 19.26
CA VAL F 39 29.45 -6.08 18.39
C VAL F 39 30.95 -6.15 18.67
N GLN F 40 31.75 -6.38 17.61
CA GLN F 40 33.21 -6.33 17.69
C GLN F 40 33.81 -5.67 16.46
N LEU F 41 34.74 -4.75 16.68
CA LEU F 41 35.65 -4.22 15.67
C LEU F 41 37.09 -4.50 16.11
N VAL F 42 37.86 -5.16 15.25
CA VAL F 42 39.26 -5.45 15.55
C VAL F 42 40.13 -5.17 14.32
N GLU F 43 41.14 -4.32 14.54
CA GLU F 43 41.93 -3.69 13.50
C GLU F 43 43.32 -4.33 13.41
N SER F 44 43.83 -4.46 12.19
CA SER F 44 45.12 -5.09 11.88
C SER F 44 45.85 -4.33 10.78
N GLY F 45 47.11 -4.66 10.57
CA GLY F 45 47.94 -4.06 9.55
C GLY F 45 48.84 -2.92 9.99
N GLY F 46 48.67 -2.43 11.21
CA GLY F 46 49.64 -1.56 11.85
C GLY F 46 50.97 -2.24 12.15
N GLY F 47 51.92 -1.47 12.67
CA GLY F 47 53.30 -1.89 12.85
C GLY F 47 54.27 -0.79 12.44
N LEU F 48 55.56 -1.15 12.39
CA LEU F 48 56.56 -0.25 11.83
C LEU F 48 56.45 -0.19 10.32
N VAL F 49 56.59 1.00 9.77
CA VAL F 49 56.74 1.22 8.32
C VAL F 49 57.57 2.48 8.12
N GLN F 50 58.31 2.53 7.01
CA GLN F 50 59.20 3.64 6.74
C GLN F 50 58.42 4.84 6.20
N PRO F 51 58.91 6.05 6.43
CA PRO F 51 58.37 7.21 5.71
C PRO F 51 58.31 6.96 4.22
N GLY F 52 57.24 7.42 3.59
CA GLY F 52 56.94 7.10 2.19
C GLY F 52 56.29 5.75 1.96
N GLY F 53 56.27 4.87 2.97
CA GLY F 53 55.77 3.52 2.82
C GLY F 53 54.27 3.48 2.77
N SER F 54 53.74 2.25 2.70
CA SER F 54 52.31 2.02 2.59
C SER F 54 51.89 0.86 3.46
N ARG F 55 50.72 0.97 4.11
CA ARG F 55 50.09 -0.14 4.83
C ARG F 55 48.59 -0.10 4.56
N LYS F 56 47.98 -1.26 4.41
CA LYS F 56 46.54 -1.38 4.43
C LYS F 56 46.10 -1.78 5.82
N LEU F 57 45.51 -0.84 6.56
CA LEU F 57 44.81 -1.21 7.78
C LEU F 57 43.53 -1.94 7.40
N SER F 58 43.33 -3.10 7.98
CA SER F 58 42.08 -3.84 7.78
C SER F 58 41.33 -3.90 9.10
N CYS F 59 40.10 -3.39 9.11
CA CYS F 59 39.19 -3.49 10.22
C CYS F 59 38.13 -4.53 9.87
N SER F 60 38.00 -5.55 10.72
CA SER F 60 37.06 -6.64 10.54
C SER F 60 35.88 -6.46 11.49
N ALA F 61 34.68 -6.52 10.92
CA ALA F 61 33.44 -6.34 11.68
C ALA F 61 32.74 -7.68 11.92
N SER F 62 32.29 -7.91 13.15
CA SER F 62 31.48 -9.07 13.49
C SER F 62 30.44 -8.67 14.53
N GLY F 63 29.35 -9.43 14.54
CA GLY F 63 28.26 -9.24 15.49
C GLY F 63 27.42 -7.97 15.27
N PHE F 64 27.56 -7.33 14.13
CA PHE F 64 26.64 -6.25 13.76
C PHE F 64 26.49 -6.16 12.24
N ALA F 65 25.44 -5.48 11.80
CA ALA F 65 25.09 -5.33 10.39
C ALA F 65 26.00 -4.32 9.67
N PHE F 66 27.25 -4.73 9.50
CA PHE F 66 28.31 -3.83 9.06
C PHE F 66 27.92 -3.01 7.82
N SER F 67 27.29 -3.65 6.85
CA SER F 67 26.85 -2.97 5.63
C SER F 67 25.96 -1.77 5.90
N SER F 68 25.13 -1.84 6.94
CA SER F 68 24.20 -0.75 7.23
C SER F 68 24.84 0.44 7.92
N PHE F 69 26.03 0.28 8.48
CA PHE F 69 26.77 1.35 9.15
C PHE F 69 27.71 2.09 8.21
N GLY F 70 27.73 3.43 8.29
CA GLY F 70 28.89 4.19 7.88
C GLY F 70 30.04 3.94 8.83
N MET F 71 31.26 3.91 8.28
CA MET F 71 32.45 3.67 9.09
C MET F 71 33.41 4.85 9.01
N HIS F 72 34.07 5.13 10.14
CA HIS F 72 35.08 6.16 10.26
C HIS F 72 36.39 5.52 10.69
N TRP F 73 37.51 6.13 10.28
CA TRP F 73 38.80 5.95 10.95
C TRP F 73 39.10 7.22 11.74
N VAL F 74 39.39 7.03 13.00
CA VAL F 74 39.85 8.11 13.84
C VAL F 74 41.20 7.69 14.36
N ARG F 75 42.15 8.61 14.35
CA ARG F 75 43.48 8.28 14.84
C ARG F 75 43.81 9.12 16.06
N GLN F 76 44.82 8.64 16.81
CA GLN F 76 45.30 9.31 18.03
C GLN F 76 46.81 9.22 18.09
N ALA F 77 47.47 10.34 17.91
CA ALA F 77 48.92 10.36 18.11
C ALA F 77 49.27 10.08 19.56
N PRO F 78 50.45 9.51 19.85
CA PRO F 78 50.61 8.72 21.06
C PRO F 78 50.29 9.47 22.35
N GLU F 79 50.52 10.78 22.38
CA GLU F 79 50.21 11.58 23.56
C GLU F 79 49.34 12.79 23.19
N LYS F 80 48.45 12.63 22.20
CA LYS F 80 47.69 13.70 21.59
C LYS F 80 46.22 13.28 21.51
N GLY F 81 45.39 14.26 21.21
CA GLY F 81 43.97 14.04 21.09
C GLY F 81 43.59 13.31 19.82
N LEU F 82 42.31 12.98 19.75
CA LEU F 82 41.74 12.31 18.59
C LEU F 82 41.75 13.22 17.36
N GLU F 83 41.91 12.62 16.18
CA GLU F 83 41.80 13.30 14.90
C GLU F 83 41.03 12.37 13.96
N TRP F 84 39.96 12.88 13.37
CA TRP F 84 39.25 12.13 12.33
C TRP F 84 40.06 12.04 11.03
N VAL F 85 39.99 10.86 10.40
CA VAL F 85 40.81 10.52 9.24
C VAL F 85 39.96 10.40 7.98
N ALA F 86 39.00 9.48 7.98
CA ALA F 86 38.19 9.18 6.80
C ALA F 86 36.83 8.64 7.22
N TYR F 87 35.85 8.84 6.34
CA TYR F 87 34.50 8.33 6.45
C TYR F 87 34.16 7.62 5.16
N ILE F 88 33.50 6.48 5.27
CA ILE F 88 32.85 5.80 4.14
C ILE F 88 31.41 5.48 4.52
N SER F 89 30.47 5.99 3.72
CA SER F 89 29.06 5.84 4.03
C SER F 89 28.59 4.38 3.88
N SER F 90 27.40 4.10 4.39
CA SER F 90 26.74 2.85 4.05
C SER F 90 26.55 2.73 2.55
N GLY F 91 27.00 1.60 1.99
CA GLY F 91 27.02 1.39 0.56
C GLY F 91 28.03 2.21 -0.21
N SER F 92 29.00 2.83 0.49
CA SER F 92 30.12 3.57 -0.09
C SER F 92 29.71 4.81 -0.87
N GLY F 93 28.43 5.20 -0.85
CA GLY F 93 27.97 6.28 -1.71
C GLY F 93 28.63 7.64 -1.44
N THR F 94 29.16 7.83 -0.23
CA THR F 94 29.85 9.07 0.13
C THR F 94 31.15 8.72 0.82
N ILE F 95 32.23 9.37 0.41
CA ILE F 95 33.49 9.28 1.12
C ILE F 95 34.02 10.67 1.39
N TYR F 96 34.61 10.86 2.59
CA TYR F 96 35.21 12.11 2.99
C TYR F 96 36.53 11.83 3.70
N TYR F 97 37.47 12.78 3.61
CA TYR F 97 38.78 12.63 4.24
C TYR F 97 39.12 13.93 4.92
N ALA F 98 40.04 13.84 5.88
CA ALA F 98 40.72 15.02 6.38
C ALA F 98 41.73 15.53 5.37
N ASP F 99 41.93 16.85 5.34
CA ASP F 99 42.92 17.45 4.42
C ASP F 99 44.33 16.97 4.72
N THR F 100 44.61 16.47 5.92
CA THR F 100 45.91 15.85 6.23
C THR F 100 46.12 14.51 5.52
N VAL F 101 45.04 13.91 4.96
CA VAL F 101 45.14 12.61 4.31
C VAL F 101 44.42 12.58 2.97
N LYS F 102 43.75 13.68 2.56
CA LYS F 102 42.72 13.65 1.51
C LYS F 102 43.26 13.08 0.21
N GLY F 103 44.47 13.45 -0.16
CA GLY F 103 45.09 12.98 -1.38
C GLY F 103 45.87 11.69 -1.27
N ARG F 104 45.95 11.10 -0.08
CA ARG F 104 47.03 10.18 0.25
C ARG F 104 46.56 8.94 1.02
N PHE F 105 45.44 8.99 1.73
CA PHE F 105 44.75 7.82 2.25
C PHE F 105 43.48 7.55 1.45
N THR F 106 43.13 6.28 1.31
CA THR F 106 41.86 5.88 0.70
C THR F 106 41.15 4.88 1.60
N ILE F 107 39.89 5.13 1.89
CA ILE F 107 39.04 4.31 2.72
C ILE F 107 38.13 3.45 1.85
N SER F 108 38.06 2.16 2.16
CA SER F 108 37.29 1.22 1.38
C SER F 108 36.75 0.12 2.29
N ARG F 109 35.73 -0.58 1.80
CA ARG F 109 35.02 -1.61 2.57
C ARG F 109 34.62 -2.77 1.66
N ASP F 110 34.65 -3.97 2.24
CA ASP F 110 34.12 -5.18 1.64
C ASP F 110 32.97 -5.63 2.52
N ASP F 111 31.78 -5.12 2.24
CA ASP F 111 30.59 -5.53 2.99
C ASP F 111 30.33 -7.03 2.95
N PRO F 112 30.44 -7.72 1.82
CA PRO F 112 30.39 -9.17 1.89
C PRO F 112 31.33 -9.85 2.88
N LYS F 113 32.57 -9.35 3.02
CA LYS F 113 33.48 -9.90 4.02
C LYS F 113 33.38 -9.19 5.36
N ASN F 114 32.42 -8.28 5.56
CA ASN F 114 32.30 -7.48 6.79
C ASN F 114 33.63 -6.89 7.24
N THR F 115 34.31 -6.23 6.31
CA THR F 115 35.62 -5.69 6.60
C THR F 115 35.86 -4.36 5.94
N LEU F 116 36.63 -3.51 6.64
CA LEU F 116 36.94 -2.15 6.25
C LEU F 116 38.42 -1.94 6.08
N PHE F 117 38.82 -1.23 5.04
CA PHE F 117 40.22 -0.98 4.77
C PHE F 117 40.50 0.51 4.78
N LEU F 118 41.70 0.86 5.29
CA LEU F 118 42.32 2.14 5.07
C LEU F 118 43.67 1.85 4.39
N GLN F 119 43.72 1.91 3.06
CA GLN F 119 44.98 1.91 2.34
C GLN F 119 45.67 3.26 2.48
N MET F 120 46.72 3.29 3.28
CA MET F 120 47.57 4.45 3.50
C MET F 120 48.78 4.40 2.59
N THR F 121 49.15 5.56 2.04
CA THR F 121 50.31 5.71 1.18
C THR F 121 51.00 7.04 1.47
N SER F 122 52.30 7.11 1.14
CA SER F 122 53.13 8.27 1.43
C SER F 122 53.10 8.61 2.92
N LEU F 123 53.21 7.59 3.76
CA LEU F 123 53.08 7.75 5.20
C LEU F 123 54.14 8.71 5.76
N ARG F 124 53.79 9.39 6.86
CA ARG F 124 54.64 10.43 7.48
C ARG F 124 54.67 10.25 8.99
N SER F 125 55.67 10.88 9.62
CA SER F 125 55.71 10.89 11.08
C SER F 125 54.38 11.37 11.65
N GLU F 126 53.76 12.37 11.00
CA GLU F 126 52.43 12.84 11.41
C GLU F 126 51.39 11.73 11.49
N ASP F 127 51.52 10.70 10.67
CA ASP F 127 50.62 9.56 10.67
C ASP F 127 50.92 8.54 11.76
N THR F 128 51.99 8.70 12.55
CA THR F 128 52.24 7.83 13.68
C THR F 128 51.15 8.00 14.73
N ALA F 129 50.25 7.02 14.83
CA ALA F 129 49.06 7.15 15.67
C ALA F 129 48.44 5.79 15.93
N MET F 130 47.65 5.72 16.99
CA MET F 130 46.66 4.67 17.16
C MET F 130 45.47 4.99 16.25
N TYR F 131 45.13 4.08 15.34
CA TYR F 131 44.02 4.23 14.41
C TYR F 131 42.84 3.41 14.91
N TYR F 132 41.75 4.09 15.24
CA TYR F 132 40.52 3.46 15.72
C TYR F 132 39.50 3.34 14.58
N CYS F 133 38.97 2.14 14.43
CA CYS F 133 37.88 1.87 13.51
C CYS F 133 36.55 2.13 14.23
N VAL F 134 35.78 3.07 13.69
CA VAL F 134 34.62 3.60 14.39
C VAL F 134 33.38 3.47 13.49
N ARG F 135 32.35 2.78 13.97
CA ARG F 135 31.10 2.67 13.24
C ARG F 135 30.19 3.86 13.50
N SER F 136 29.35 4.18 12.53
CA SER F 136 28.30 5.17 12.67
C SER F 136 27.09 4.79 11.83
N ILE F 137 25.89 5.09 12.32
CA ILE F 137 24.65 4.93 11.59
C ILE F 137 23.88 6.25 11.70
N TYR F 138 23.18 6.63 10.62
CA TYR F 138 22.59 7.96 10.49
C TYR F 138 21.12 7.85 10.09
N TYR F 139 20.25 8.09 11.06
CA TYR F 139 18.81 8.25 10.89
C TYR F 139 18.33 9.04 12.09
N TYR F 140 17.09 9.52 12.03
CA TYR F 140 16.56 10.29 13.14
C TYR F 140 16.63 9.48 14.43
N GLY F 141 17.32 10.01 15.42
CA GLY F 141 17.51 9.29 16.68
C GLY F 141 18.64 8.29 16.69
N SER F 142 19.40 8.15 15.60
CA SER F 142 20.59 7.31 15.65
C SER F 142 21.65 7.86 16.62
N SER F 143 22.55 6.96 17.06
CA SER F 143 23.76 7.37 17.75
C SER F 143 24.97 7.04 16.89
N PRO F 144 25.45 7.98 16.10
CA PRO F 144 26.78 7.83 15.48
C PRO F 144 27.90 7.62 16.52
N PHE F 145 29.00 7.04 16.06
CA PHE F 145 30.19 6.84 16.89
C PHE F 145 29.96 6.00 18.13
N ASP F 146 28.96 5.12 18.12
CA ASP F 146 28.56 4.42 19.32
C ASP F 146 29.42 3.19 19.62
N PHE F 147 30.29 2.77 18.70
CA PHE F 147 31.25 1.70 18.95
C PHE F 147 32.60 1.94 18.27
N TRP F 148 33.67 1.77 19.04
CA TRP F 148 35.04 2.02 18.62
C TRP F 148 35.84 0.75 18.78
N GLY F 149 36.54 0.34 17.73
CA GLY F 149 37.42 -0.82 17.79
C GLY F 149 38.61 -0.62 18.76
N GLN F 150 39.33 -1.71 19.04
CA GLN F 150 40.47 -1.67 19.96
C GLN F 150 41.65 -0.87 19.41
N GLY F 151 41.68 -0.62 18.12
CA GLY F 151 42.69 0.21 17.48
C GLY F 151 43.88 -0.62 17.01
N THR F 152 44.56 -0.09 15.99
CA THR F 152 45.84 -0.60 15.55
C THR F 152 46.85 0.54 15.52
N THR F 153 48.07 0.29 16.02
CA THR F 153 49.08 1.34 16.16
C THR F 153 50.01 1.33 14.94
N LEU F 154 50.11 2.46 14.27
CA LEU F 154 51.07 2.65 13.18
C LEU F 154 52.19 3.53 13.68
N THR F 155 53.42 3.05 13.56
CA THR F 155 54.60 3.86 13.83
C THR F 155 55.34 4.10 12.52
N VAL F 156 55.46 5.35 12.12
CA VAL F 156 56.24 5.75 10.96
C VAL F 156 57.60 6.21 11.45
N SER F 157 58.66 5.46 11.09
CA SER F 157 59.95 5.54 11.75
C SER F 157 60.52 6.96 11.71
N ASP F 175 37.60 24.80 8.82
CA ASP F 175 37.52 23.67 9.72
C ASP F 175 37.22 24.22 11.12
N ILE F 176 36.18 23.66 11.76
CA ILE F 176 35.81 24.05 13.10
C ILE F 176 36.92 23.65 14.08
N VAL F 177 37.16 24.49 15.10
CA VAL F 177 38.03 24.15 16.24
C VAL F 177 37.15 23.89 17.46
N MET F 178 37.39 22.74 18.09
CA MET F 178 36.78 22.40 19.35
C MET F 178 37.80 22.68 20.44
N THR F 179 37.42 23.52 21.40
CA THR F 179 38.30 23.90 22.51
C THR F 179 37.78 23.31 23.81
N GLN F 180 38.60 22.50 24.44
CA GLN F 180 38.39 22.09 25.83
C GLN F 180 39.40 22.83 26.70
N ALA F 181 39.00 24.02 27.17
CA ALA F 181 39.92 25.00 27.75
C ALA F 181 40.65 24.49 28.96
N THR F 182 40.20 23.41 29.56
CA THR F 182 40.92 22.74 30.63
C THR F 182 41.45 21.41 30.12
N SER F 183 42.77 21.27 30.11
CA SER F 183 43.42 20.03 29.68
C SER F 183 43.29 18.93 30.72
N SER F 184 43.37 19.27 32.01
CA SER F 184 43.14 18.28 33.04
C SER F 184 42.45 18.89 34.26
N VAL F 185 41.56 18.11 34.87
CA VAL F 185 40.95 18.48 36.14
C VAL F 185 41.35 17.41 37.15
N PRO F 186 41.97 17.76 38.28
CA PRO F 186 42.05 16.82 39.40
C PRO F 186 40.70 16.71 40.11
N VAL F 187 40.27 15.48 40.32
CA VAL F 187 38.92 15.19 40.81
C VAL F 187 38.99 14.08 41.86
N THR F 188 37.93 14.01 42.66
CA THR F 188 37.68 13.04 43.72
C THR F 188 36.40 12.23 43.43
N PRO F 189 36.32 10.97 43.85
CA PRO F 189 35.10 10.19 43.63
C PRO F 189 33.92 10.82 44.34
N GLY F 190 32.74 10.70 43.72
CA GLY F 190 31.51 11.28 44.21
C GLY F 190 31.32 12.76 43.94
N GLU F 191 32.33 13.45 43.44
CA GLU F 191 32.24 14.86 43.08
C GLU F 191 31.42 15.03 41.80
N SER F 192 30.76 16.16 41.67
CA SER F 192 30.09 16.56 40.43
C SER F 192 31.02 17.49 39.66
N VAL F 193 31.36 17.10 38.44
CA VAL F 193 32.37 17.77 37.62
C VAL F 193 31.75 18.10 36.28
N SER F 194 32.04 19.30 35.78
CA SER F 194 31.55 19.79 34.49
C SER F 194 32.74 20.00 33.58
N ILE F 195 32.72 19.37 32.42
CA ILE F 195 33.77 19.54 31.42
C ILE F 195 33.23 20.43 30.33
N SER F 196 33.83 21.61 30.22
CA SER F 196 33.46 22.60 29.23
C SER F 196 34.01 22.23 27.87
N CYS F 197 33.32 22.66 26.82
CA CYS F 197 33.81 22.59 25.46
C CYS F 197 33.26 23.82 24.72
N ARG F 198 34.02 24.31 23.75
CA ARG F 198 33.63 25.47 22.94
C ARG F 198 33.82 25.15 21.46
N SER F 199 32.92 25.67 20.64
CA SER F 199 33.05 25.58 19.19
C SER F 199 33.13 26.98 18.56
N SER F 200 33.94 27.05 17.50
CA SER F 200 34.07 28.27 16.71
C SER F 200 32.72 28.69 16.13
N LYS F 201 32.10 27.82 15.35
CA LYS F 201 30.75 27.99 14.83
C LYS F 201 29.73 27.42 15.80
N SER F 202 28.54 27.99 15.81
CA SER F 202 27.44 27.43 16.57
C SER F 202 27.05 26.10 15.97
N LEU F 203 27.21 25.02 16.72
CA LEU F 203 26.82 23.70 16.27
C LEU F 203 25.32 23.51 16.23
N LEU F 204 24.53 24.37 16.87
CA LEU F 204 23.08 24.34 16.69
C LEU F 204 22.71 24.58 15.23
N HIS F 205 22.26 23.52 14.58
CA HIS F 205 21.77 23.57 13.23
C HIS F 205 20.31 23.96 13.24
N SER F 206 19.85 24.45 12.08
CA SER F 206 18.46 24.86 11.96
C SER F 206 17.49 23.72 12.14
N ASN F 207 17.91 22.47 11.99
CA ASN F 207 17.07 21.35 12.38
C ASN F 207 16.87 21.25 13.88
N GLY F 208 17.56 22.05 14.67
CA GLY F 208 17.40 22.10 16.10
C GLY F 208 18.30 21.17 16.88
N ASN F 209 19.11 20.34 16.21
CA ASN F 209 20.08 19.49 16.89
C ASN F 209 21.27 20.32 17.32
N THR F 210 21.58 20.35 18.61
CA THR F 210 22.62 21.25 19.10
C THR F 210 24.01 20.62 18.95
N TYR F 211 24.05 19.32 18.65
CA TYR F 211 25.09 18.64 17.90
C TYR F 211 26.39 18.31 18.63
N LEU F 212 26.64 18.76 19.87
CA LEU F 212 27.90 18.33 20.47
C LEU F 212 27.82 16.85 20.81
N TYR F 213 28.87 16.16 20.45
CA TYR F 213 29.19 14.81 20.91
C TYR F 213 30.16 14.83 22.08
N TRP F 214 30.06 13.81 22.93
CA TRP F 214 31.00 13.62 24.05
C TRP F 214 31.49 12.18 24.08
N PHE F 215 32.79 11.99 24.22
CA PHE F 215 33.41 10.68 24.33
C PHE F 215 34.26 10.60 25.58
N LEU F 216 34.31 9.40 26.15
CA LEU F 216 35.30 9.05 27.14
C LEU F 216 36.23 7.99 26.55
N GLN F 217 37.52 8.27 26.56
CA GLN F 217 38.55 7.27 26.40
C GLN F 217 39.17 6.97 27.75
N ARG F 218 38.96 5.77 28.26
CA ARG F 218 39.66 5.33 29.48
C ARG F 218 41.12 4.96 29.18
N PRO F 219 42.00 4.99 30.19
CA PRO F 219 43.45 5.02 29.95
C PRO F 219 43.96 3.95 29.00
N GLY F 220 43.38 2.75 28.99
CA GLY F 220 43.83 1.75 28.05
C GLY F 220 42.77 1.26 27.07
N GLN F 221 41.60 1.88 27.10
CA GLN F 221 40.46 1.50 26.28
C GLN F 221 40.41 2.42 25.04
N SER F 222 39.62 1.98 24.05
CA SER F 222 39.25 2.89 22.98
C SER F 222 38.10 3.82 23.41
N PRO F 223 37.94 4.96 22.73
CA PRO F 223 36.91 5.91 23.16
C PRO F 223 35.54 5.29 23.14
N GLN F 224 34.68 5.69 24.08
CA GLN F 224 33.30 5.26 24.15
C GLN F 224 32.37 6.48 24.14
N LEU F 225 31.38 6.47 23.23
CA LEU F 225 30.37 7.53 23.19
C LEU F 225 29.57 7.57 24.47
N LEU F 226 29.56 8.74 25.12
CA LEU F 226 28.69 9.00 26.24
C LEU F 226 27.39 9.65 25.81
N ILE F 227 27.47 10.76 25.09
CA ILE F 227 26.34 11.59 24.77
C ILE F 227 26.45 11.97 23.30
N TYR F 228 25.32 11.96 22.60
CA TYR F 228 25.26 12.40 21.21
C TYR F 228 24.27 13.53 21.07
N ARG F 229 24.58 14.42 20.09
CA ARG F 229 23.83 15.62 19.72
C ARG F 229 23.44 16.43 20.96
N MET F 230 24.45 16.90 21.68
CA MET F 230 24.45 17.66 22.91
C MET F 230 23.99 16.90 24.17
N SER F 231 22.85 16.23 24.11
CA SER F 231 22.13 15.86 25.33
C SER F 231 21.63 14.42 25.40
N ASN F 232 21.75 13.63 24.35
CA ASN F 232 21.17 12.30 24.34
C ASN F 232 22.18 11.31 24.94
N LEU F 233 21.78 10.66 26.02
CA LEU F 233 22.66 9.71 26.70
C LEU F 233 22.74 8.40 25.91
N ALA F 234 23.96 7.91 25.71
CA ALA F 234 24.15 6.66 24.98
C ALA F 234 23.64 5.46 25.78
N SER F 235 23.35 4.38 25.05
CA SER F 235 22.54 3.29 25.59
C SER F 235 23.16 2.65 26.83
N GLY F 236 24.48 2.47 26.82
CA GLY F 236 25.15 1.82 27.93
C GLY F 236 25.64 2.72 29.04
N VAL F 237 25.36 4.03 28.99
CA VAL F 237 26.12 5.04 29.72
C VAL F 237 25.31 5.50 30.92
N PRO F 238 25.90 5.58 32.11
CA PRO F 238 25.14 5.97 33.30
C PRO F 238 24.51 7.37 33.21
N ASP F 239 23.34 7.48 33.83
CA ASP F 239 22.62 8.74 33.95
C ASP F 239 23.40 9.78 34.76
N ARG F 240 24.54 9.41 35.31
CA ARG F 240 25.50 10.35 35.86
C ARG F 240 25.83 11.43 34.85
N PHE F 241 26.00 11.05 33.60
CA PHE F 241 26.39 11.95 32.52
C PHE F 241 25.16 12.69 31.97
N SER F 242 25.32 14.00 31.78
CA SER F 242 24.29 14.83 31.16
C SER F 242 24.96 16.03 30.51
N GLY F 243 24.59 16.33 29.28
CA GLY F 243 25.22 17.39 28.52
C GLY F 243 24.21 18.48 28.17
N SER F 244 24.69 19.70 28.08
CA SER F 244 23.89 20.85 27.69
C SER F 244 24.83 21.93 27.14
N GLY F 245 24.22 22.91 26.49
CA GLY F 245 25.01 23.99 25.90
C GLY F 245 24.16 24.92 25.07
N SER F 246 24.80 25.98 24.60
CA SER F 246 24.13 27.00 23.80
C SER F 246 24.18 26.70 22.32
N GLY F 247 25.15 25.90 21.88
CA GLY F 247 25.47 25.75 20.48
C GLY F 247 26.89 26.20 20.19
N THR F 248 27.30 27.29 20.82
CA THR F 248 28.69 27.74 20.75
C THR F 248 29.50 27.31 21.97
N ALA F 249 28.86 27.06 23.11
CA ALA F 249 29.52 26.72 24.36
C ALA F 249 28.79 25.55 24.99
N PHE F 250 29.51 24.64 25.60
CA PHE F 250 28.92 23.37 26.02
C PHE F 250 29.54 22.91 27.34
N THR F 251 28.82 22.06 28.06
CA THR F 251 29.32 21.38 29.25
C THR F 251 28.90 19.92 29.20
N LEU F 252 29.78 19.03 29.66
CA LEU F 252 29.40 17.68 30.09
C LEU F 252 29.47 17.62 31.61
N THR F 253 28.31 17.48 32.25
CA THR F 253 28.23 17.22 33.69
C THR F 253 28.34 15.73 34.01
N ILE F 254 29.02 15.41 35.10
CA ILE F 254 29.25 14.04 35.57
C ILE F 254 28.91 14.02 37.06
N SER F 255 27.71 13.56 37.38
CA SER F 255 27.02 14.02 38.59
C SER F 255 27.55 13.35 39.86
N ARG F 256 28.07 12.13 39.76
CA ARG F 256 28.61 11.44 40.95
C ARG F 256 29.76 10.53 40.50
N LEU F 257 30.94 11.14 40.34
CA LEU F 257 32.08 10.49 39.70
C LEU F 257 32.35 9.11 40.33
N GLU F 258 32.41 8.09 39.48
CA GLU F 258 33.00 6.82 39.86
C GLU F 258 34.43 6.72 39.32
N ALA F 259 35.17 5.75 39.82
CA ALA F 259 36.51 5.51 39.28
C ALA F 259 36.47 5.10 37.81
N GLU F 260 35.41 4.43 37.39
CA GLU F 260 35.21 4.12 35.99
C GLU F 260 34.94 5.35 35.11
N ASP F 261 34.81 6.52 35.74
CA ASP F 261 34.67 7.76 35.01
C ASP F 261 35.98 8.49 34.81
N VAL F 262 37.11 7.96 35.29
CA VAL F 262 38.41 8.54 34.99
C VAL F 262 38.79 8.22 33.54
N GLY F 263 39.57 9.13 32.93
CA GLY F 263 40.01 9.04 31.54
C GLY F 263 40.06 10.42 30.91
N VAL F 264 40.19 10.45 29.59
CA VAL F 264 40.17 11.70 28.82
C VAL F 264 38.82 11.82 28.13
N TYR F 265 38.19 12.98 28.31
CA TYR F 265 36.89 13.27 27.71
C TYR F 265 37.08 14.14 26.47
N TYR F 266 36.63 13.65 25.32
CA TYR F 266 36.76 14.38 24.06
C TYR F 266 35.39 14.87 23.61
N CYS F 267 35.25 16.17 23.39
CA CYS F 267 34.11 16.69 22.66
C CYS F 267 34.38 16.66 21.17
N MET F 268 33.31 16.45 20.38
CA MET F 268 33.39 16.43 18.94
C MET F 268 32.15 17.07 18.33
N GLN F 269 32.33 17.67 17.16
CA GLN F 269 31.22 18.19 16.37
C GLN F 269 30.93 17.28 15.19
N HIS F 270 29.64 17.16 14.85
CA HIS F 270 29.24 16.45 13.64
C HIS F 270 28.33 17.32 12.78
N LEU F 271 28.47 18.63 12.87
CA LEU F 271 27.73 19.55 12.02
C LEU F 271 28.21 19.45 10.58
N GLU F 272 29.53 19.53 10.37
CA GLU F 272 30.05 19.42 9.02
C GLU F 272 31.41 18.76 9.05
N TYR F 273 31.71 18.03 7.99
CA TYR F 273 33.05 17.48 7.74
C TYR F 273 34.01 18.56 7.25
N PRO F 274 35.28 18.47 7.61
CA PRO F 274 35.90 17.42 8.42
C PRO F 274 35.45 17.49 9.89
N LEU F 275 35.15 16.32 10.48
CA LEU F 275 34.86 16.24 11.91
C LEU F 275 36.09 16.53 12.74
N THR F 276 35.90 17.30 13.79
CA THR F 276 37.01 17.79 14.60
C THR F 276 36.76 17.48 16.09
N PHE F 277 37.81 17.07 16.79
CA PHE F 277 37.76 16.76 18.21
C PHE F 277 38.49 17.81 19.03
N GLY F 278 38.00 18.07 20.23
CA GLY F 278 38.76 18.83 21.23
C GLY F 278 40.02 18.09 21.65
N ALA F 279 40.91 18.84 22.31
CA ALA F 279 42.15 18.25 22.84
C ALA F 279 41.88 17.19 23.89
N GLY F 280 40.68 17.20 24.49
CA GLY F 280 40.37 16.28 25.57
C GLY F 280 40.67 16.84 26.95
N THR F 281 39.82 16.53 27.92
CA THR F 281 40.09 16.86 29.32
C THR F 281 40.34 15.57 30.10
N LYS F 282 41.53 15.44 30.65
CA LYS F 282 41.79 14.31 31.56
C LYS F 282 41.13 14.58 32.91
N LEU F 283 40.52 13.54 33.46
CA LEU F 283 40.15 13.50 34.87
C LEU F 283 41.10 12.56 35.59
N GLU F 284 41.73 13.08 36.66
CA GLU F 284 42.67 12.34 37.50
C GLU F 284 42.04 12.16 38.88
N LEU F 285 41.83 10.91 39.30
CA LEU F 285 41.21 10.62 40.58
C LEU F 285 42.08 11.09 41.76
N TYR G 2 20.23 29.58 -47.83
CA TYR G 2 19.53 30.86 -47.90
C TYR G 2 18.05 30.69 -47.69
N SER G 3 17.41 29.79 -48.45
CA SER G 3 15.97 29.83 -48.72
C SER G 3 15.07 29.54 -47.49
N GLU G 5 13.56 26.43 -46.12
CA GLU G 5 12.35 25.67 -46.41
C GLU G 5 11.83 24.93 -45.17
N HIS G 6 10.50 24.81 -45.09
CA HIS G 6 9.85 24.06 -44.02
C HIS G 6 10.24 22.59 -44.07
N ARG G 8 12.74 19.54 -44.51
CA ARG G 8 13.74 19.42 -45.56
C ARG G 8 13.26 18.55 -46.71
N TRP G 9 13.95 18.64 -47.85
CA TRP G 9 13.66 17.86 -49.03
C TRP G 9 12.30 18.21 -49.66
N GLY G 10 11.66 19.31 -49.26
CA GLY G 10 10.33 19.63 -49.76
C GLY G 10 10.24 19.79 -51.24
N LYS G 11 11.35 20.13 -51.91
CA LYS G 11 11.45 20.15 -53.35
C LYS G 11 12.64 19.31 -53.80
N PRO G 12 12.54 18.62 -54.94
CA PRO G 12 13.59 17.69 -55.33
C PRO G 12 14.88 18.37 -55.74
N VAL G 13 15.99 17.65 -55.59
CA VAL G 13 17.32 18.11 -56.00
C VAL G 13 17.70 19.50 -55.50
#